data_1N82
#
_entry.id   1N82
#
_cell.length_a   169.481
_cell.length_b   80.579
_cell.length_c   79.054
_cell.angle_alpha   90.00
_cell.angle_beta   91.89
_cell.angle_gamma   90.00
#
_symmetry.space_group_name_H-M   'C 1 2 1'
#
loop_
_entity.id
_entity.type
_entity.pdbx_description
1 polymer 'intra-cellular xylanase'
2 non-polymer 'SODIUM ION'
3 non-polymer GLYCEROL
4 water water
#
_entity_poly.entity_id   1
_entity_poly.type   'polypeptide(L)'
_entity_poly.pdbx_seq_one_letter_code
;MNSSLPSLRDVFANDFRIGAAVNPVTIEMQKQLLIDHVNSITAENHMKFEHLQPEEGKFTFQEADRIVDFACSHRMAVRG
HTLVWHNQTPDWVFQDGQGHFVSRDVLLERMKCHISTVVRRYKGKIYCWDVINEAVADEGDELLRPSKWRQIIGDDFMEQ
AFLYAYEADPDALLFYNDYNECFPEKREKIFALVKSLRDKGIPIHGIGMQAHWSLTRPSLDEIRAAIERYASLGVVLHIT
ELDVSMFEFHDRRTDLAAPTSEMIERQAERYGQIFALFKEYRDVIQSVTFWGIADDHTWLDNFPVHGRKNWPLLFDEQHK
PKPAFWRAVSV
;
_entity_poly.pdbx_strand_id   A,B
#
loop_
_chem_comp.id
_chem_comp.type
_chem_comp.name
_chem_comp.formula
GOL non-polymer GLYCEROL 'C3 H8 O3'
NA non-polymer 'SODIUM ION' 'Na 1'
#
# COMPACT_ATOMS: atom_id res chain seq x y z
N ASN A 2 2.98 -10.04 -11.48
CA ASN A 2 1.93 -10.39 -10.57
C ASN A 2 2.25 -11.48 -9.57
N SER A 3 3.24 -12.32 -9.87
CA SER A 3 3.69 -13.39 -8.98
C SER A 3 3.82 -12.93 -7.54
N SER A 4 4.37 -11.74 -7.31
CA SER A 4 4.49 -11.28 -5.93
C SER A 4 3.37 -10.33 -5.54
N LEU A 5 2.33 -10.20 -6.39
CA LEU A 5 1.27 -9.26 -6.03
C LEU A 5 0.34 -9.75 -4.93
N PRO A 6 -0.12 -8.88 -4.03
CA PRO A 6 -1.17 -9.26 -3.08
C PRO A 6 -2.46 -9.67 -3.78
N SER A 7 -3.23 -10.56 -3.18
CA SER A 7 -4.51 -10.95 -3.75
C SER A 7 -5.63 -10.14 -3.05
N LEU A 8 -6.44 -9.42 -3.83
CA LEU A 8 -7.47 -8.58 -3.20
C LEU A 8 -8.33 -9.33 -2.19
N ARG A 9 -8.87 -10.52 -2.52
CA ARG A 9 -9.75 -11.21 -1.58
C ARG A 9 -9.02 -11.59 -0.30
N ASP A 10 -7.70 -11.84 -0.40
CA ASP A 10 -6.92 -12.22 0.78
C ASP A 10 -6.59 -11.00 1.64
N VAL A 11 -6.20 -9.90 1.00
CA VAL A 11 -5.95 -8.67 1.77
C VAL A 11 -7.17 -8.28 2.60
N PHE A 12 -8.38 -8.48 2.05
CA PHE A 12 -9.61 -8.04 2.67
C PHE A 12 -10.34 -9.23 3.28
N ALA A 13 -9.65 -10.33 3.49
CA ALA A 13 -10.31 -11.53 4.02
C ALA A 13 -11.05 -11.30 5.32
N ASN A 14 -10.54 -10.41 6.19
CA ASN A 14 -11.22 -10.15 7.46
C ASN A 14 -12.25 -9.02 7.42
N ASP A 15 -12.41 -8.47 6.21
CA ASP A 15 -13.21 -7.25 6.09
C ASP A 15 -14.48 -7.44 5.28
N PHE A 16 -14.35 -7.95 4.04
CA PHE A 16 -15.50 -8.14 3.17
C PHE A 16 -15.08 -8.99 1.98
N ARG A 17 -16.07 -9.64 1.33
CA ARG A 17 -15.76 -10.21 0.03
C ARG A 17 -15.36 -9.12 -0.97
N ILE A 18 -14.61 -9.59 -2.01
CA ILE A 18 -14.26 -8.76 -3.14
C ILE A 18 -14.83 -9.41 -4.40
N GLY A 19 -15.65 -8.65 -5.13
CA GLY A 19 -16.34 -9.17 -6.30
C GLY A 19 -16.05 -8.44 -7.60
N ALA A 20 -16.49 -9.11 -8.68
CA ALA A 20 -16.44 -8.56 -10.01
C ALA A 20 -17.71 -8.91 -10.78
N ALA A 21 -18.14 -7.91 -11.56
CA ALA A 21 -19.18 -8.19 -12.56
C ALA A 21 -18.55 -8.81 -13.81
N VAL A 22 -19.23 -9.81 -14.37
CA VAL A 22 -18.69 -10.60 -15.48
C VAL A 22 -19.78 -10.97 -16.47
N ASN A 23 -19.31 -11.41 -17.61
CA ASN A 23 -20.19 -12.16 -18.54
C ASN A 23 -19.40 -13.31 -19.15
N PRO A 24 -19.96 -14.26 -19.91
CA PRO A 24 -19.10 -15.36 -20.37
C PRO A 24 -17.89 -14.91 -21.15
N VAL A 25 -18.04 -13.84 -21.93
CA VAL A 25 -16.86 -13.36 -22.66
C VAL A 25 -15.79 -12.81 -21.74
N THR A 26 -16.11 -12.04 -20.70
CA THR A 26 -15.03 -11.45 -19.90
C THR A 26 -14.48 -12.49 -18.93
N ILE A 27 -15.30 -13.52 -18.63
CA ILE A 27 -14.70 -14.57 -17.79
C ILE A 27 -13.54 -15.23 -18.52
N GLU A 28 -13.68 -15.38 -19.82
CA GLU A 28 -12.57 -15.93 -20.61
C GLU A 28 -11.47 -14.90 -20.74
N MET A 29 -11.80 -13.65 -21.08
CA MET A 29 -10.74 -12.64 -21.29
C MET A 29 -10.00 -12.29 -20.01
N GLN A 30 -10.69 -12.32 -18.85
CA GLN A 30 -10.06 -11.83 -17.61
C GLN A 30 -9.92 -12.95 -16.60
N LYS A 31 -9.93 -14.18 -17.08
CA LYS A 31 -10.02 -15.34 -16.20
C LYS A 31 -8.98 -15.36 -15.09
N GLN A 32 -7.70 -15.13 -15.40
CA GLN A 32 -6.70 -15.24 -14.35
C GLN A 32 -6.79 -14.14 -13.32
N LEU A 33 -7.12 -12.92 -13.73
CA LEU A 33 -7.35 -11.89 -12.71
C LEU A 33 -8.48 -12.28 -11.77
N LEU A 34 -9.57 -12.78 -12.31
CA LEU A 34 -10.69 -13.19 -11.45
C LEU A 34 -10.23 -14.28 -10.51
N ILE A 35 -9.59 -15.31 -11.08
CA ILE A 35 -9.12 -16.42 -10.24
C ILE A 35 -8.19 -15.95 -9.13
N ASP A 36 -7.35 -14.98 -9.46
CA ASP A 36 -6.33 -14.52 -8.51
C ASP A 36 -6.87 -13.58 -7.44
N HIS A 37 -7.98 -12.87 -7.69
CA HIS A 37 -8.37 -11.77 -6.82
C HIS A 37 -9.76 -11.82 -6.20
N VAL A 38 -10.73 -12.46 -6.87
CA VAL A 38 -12.09 -12.24 -6.33
C VAL A 38 -12.63 -13.47 -5.60
N ASN A 39 -13.60 -13.20 -4.70
CA ASN A 39 -14.32 -14.34 -4.11
C ASN A 39 -15.85 -14.12 -4.22
N SER A 40 -16.24 -13.27 -5.16
CA SER A 40 -17.67 -13.06 -5.45
C SER A 40 -17.77 -12.65 -6.92
N ILE A 41 -18.83 -13.01 -7.58
CA ILE A 41 -19.17 -12.65 -8.95
C ILE A 41 -20.62 -12.19 -9.03
N THR A 42 -20.84 -11.20 -9.89
CA THR A 42 -22.17 -10.78 -10.32
C THR A 42 -22.24 -10.86 -11.85
N ALA A 43 -23.39 -11.30 -12.36
CA ALA A 43 -23.62 -11.23 -13.81
C ALA A 43 -23.84 -9.76 -14.17
N GLU A 44 -23.05 -9.17 -15.06
CA GLU A 44 -23.22 -7.79 -15.48
C GLU A 44 -24.60 -7.56 -16.13
N ASN A 45 -25.01 -8.55 -16.94
CA ASN A 45 -26.29 -8.46 -17.65
C ASN A 45 -27.12 -9.72 -17.74
N HIS A 46 -26.48 -10.90 -17.68
CA HIS A 46 -27.24 -12.10 -18.04
C HIS A 46 -28.19 -12.68 -16.99
N MET A 47 -28.36 -12.01 -15.83
CA MET A 47 -29.44 -12.41 -14.93
C MET A 47 -30.50 -11.32 -14.85
N LYS A 48 -30.43 -10.33 -15.77
CA LYS A 48 -31.52 -9.38 -15.90
C LYS A 48 -32.72 -10.02 -16.62
N PHE A 49 -33.88 -9.37 -16.37
CA PHE A 49 -35.13 -10.03 -16.82
C PHE A 49 -35.06 -10.33 -18.31
N GLU A 50 -34.64 -9.35 -19.13
CA GLU A 50 -34.71 -9.62 -20.56
C GLU A 50 -33.77 -10.74 -21.02
N HIS A 51 -32.74 -11.05 -20.23
CA HIS A 51 -31.77 -12.10 -20.56
C HIS A 51 -32.14 -13.44 -19.93
N LEU A 52 -33.18 -13.47 -19.11
CA LEU A 52 -33.63 -14.75 -18.52
C LEU A 52 -34.99 -15.17 -19.02
N GLN A 53 -35.91 -14.22 -19.28
CA GLN A 53 -37.26 -14.59 -19.77
C GLN A 53 -37.62 -13.67 -20.91
N PRO A 54 -36.94 -13.79 -22.06
CA PRO A 54 -37.15 -12.83 -23.15
C PRO A 54 -38.54 -12.84 -23.75
N GLU A 55 -39.25 -13.92 -23.67
CA GLU A 55 -40.64 -14.13 -24.10
C GLU A 55 -41.37 -14.86 -22.98
N GLU A 56 -42.69 -14.68 -22.82
CA GLU A 56 -43.31 -15.36 -21.68
C GLU A 56 -43.17 -16.86 -21.81
N GLY A 57 -42.70 -17.50 -20.77
CA GLY A 57 -42.53 -18.96 -20.69
C GLY A 57 -41.32 -19.45 -21.45
N LYS A 58 -40.53 -18.54 -22.05
CA LYS A 58 -39.26 -18.90 -22.66
C LYS A 58 -38.13 -18.41 -21.75
N PHE A 59 -37.52 -19.36 -21.02
CA PHE A 59 -36.43 -19.01 -20.11
C PHE A 59 -35.10 -19.37 -20.77
N THR A 60 -34.14 -18.48 -20.73
CA THR A 60 -32.86 -18.68 -21.39
C THR A 60 -31.78 -18.57 -20.32
N PHE A 61 -31.58 -19.64 -19.54
CA PHE A 61 -30.60 -19.61 -18.45
C PHE A 61 -29.18 -19.94 -18.89
N GLN A 62 -28.91 -20.13 -20.18
CA GLN A 62 -27.59 -20.69 -20.55
C GLN A 62 -26.44 -19.79 -20.15
N GLU A 63 -26.54 -18.48 -20.42
CA GLU A 63 -25.40 -17.60 -20.06
C GLU A 63 -25.24 -17.51 -18.55
N ALA A 64 -26.35 -17.33 -17.82
CA ALA A 64 -26.28 -17.27 -16.35
C ALA A 64 -25.69 -18.54 -15.75
N ASP A 65 -26.10 -19.68 -16.34
CA ASP A 65 -25.60 -20.97 -15.89
C ASP A 65 -24.09 -21.02 -16.05
N ARG A 66 -23.56 -20.49 -17.16
CA ARG A 66 -22.10 -20.53 -17.34
C ARG A 66 -21.40 -19.69 -16.26
N ILE A 67 -22.02 -18.58 -15.91
CA ILE A 67 -21.41 -17.66 -14.93
C ILE A 67 -21.44 -18.33 -13.57
N VAL A 68 -22.56 -18.95 -13.22
CA VAL A 68 -22.60 -19.63 -11.91
C VAL A 68 -21.64 -20.80 -11.89
N ASP A 69 -21.59 -21.60 -12.97
CA ASP A 69 -20.63 -22.70 -13.03
C ASP A 69 -19.18 -22.25 -12.80
N PHE A 70 -18.78 -21.16 -13.42
CA PHE A 70 -17.45 -20.58 -13.19
C PHE A 70 -17.25 -20.21 -11.72
N ALA A 71 -18.20 -19.49 -11.13
CA ALA A 71 -18.05 -19.07 -9.73
C ALA A 71 -17.92 -20.27 -8.82
N CYS A 72 -18.87 -21.23 -8.97
CA CYS A 72 -18.88 -22.36 -8.04
C CYS A 72 -17.61 -23.18 -8.17
N SER A 73 -17.07 -23.30 -9.38
CA SER A 73 -15.86 -24.13 -9.55
C SER A 73 -14.61 -23.42 -9.03
N HIS A 74 -14.71 -22.16 -8.64
CA HIS A 74 -13.59 -21.45 -8.02
C HIS A 74 -13.93 -20.97 -6.61
N ARG A 75 -14.96 -21.59 -6.03
CA ARG A 75 -15.34 -21.28 -4.65
C ARG A 75 -15.63 -19.78 -4.52
N MET A 76 -16.22 -19.17 -5.53
CA MET A 76 -16.66 -17.77 -5.45
C MET A 76 -18.15 -17.69 -5.14
N ALA A 77 -18.54 -16.74 -4.29
CA ALA A 77 -19.97 -16.50 -4.08
C ALA A 77 -20.57 -15.82 -5.31
N VAL A 78 -21.91 -15.82 -5.36
CA VAL A 78 -22.58 -15.15 -6.47
C VAL A 78 -23.67 -14.20 -5.95
N ARG A 79 -23.68 -12.95 -6.44
CA ARG A 79 -24.81 -12.06 -6.17
C ARG A 79 -25.76 -12.11 -7.36
N GLY A 80 -27.05 -12.31 -7.14
CA GLY A 80 -28.02 -12.35 -8.25
C GLY A 80 -28.46 -10.93 -8.61
N HIS A 81 -28.38 -10.54 -9.87
CA HIS A 81 -28.70 -9.18 -10.30
C HIS A 81 -29.46 -9.24 -11.63
N THR A 82 -30.70 -8.83 -11.76
CA THR A 82 -31.62 -8.25 -10.76
C THR A 82 -33.04 -8.61 -11.18
N LEU A 83 -33.98 -8.67 -10.25
CA LEU A 83 -35.29 -9.24 -10.56
C LEU A 83 -36.25 -8.18 -11.09
N VAL A 84 -36.45 -7.08 -10.35
CA VAL A 84 -37.46 -6.09 -10.70
C VAL A 84 -36.82 -4.70 -10.85
N TRP A 85 -36.83 -4.21 -12.08
CA TRP A 85 -36.18 -2.98 -12.51
C TRP A 85 -36.93 -2.31 -13.64
N HIS A 86 -36.86 -0.98 -13.71
CA HIS A 86 -37.53 -0.27 -14.80
C HIS A 86 -36.79 -0.38 -16.12
N ASN A 87 -35.57 -0.90 -16.10
CA ASN A 87 -34.85 -1.14 -17.36
C ASN A 87 -34.73 -2.63 -17.65
N GLN A 88 -34.33 -2.95 -18.88
CA GLN A 88 -33.95 -4.28 -19.39
C GLN A 88 -34.97 -5.34 -18.98
N THR A 89 -36.24 -4.92 -19.10
CA THR A 89 -37.41 -5.80 -18.90
C THR A 89 -38.25 -5.77 -20.16
N PRO A 90 -38.53 -6.90 -20.83
CA PRO A 90 -39.22 -6.85 -22.13
C PRO A 90 -40.65 -6.30 -22.05
N ASP A 91 -41.16 -5.75 -23.15
CA ASP A 91 -42.51 -5.16 -23.12
C ASP A 91 -43.59 -6.21 -22.86
N TRP A 92 -43.33 -7.48 -23.20
CA TRP A 92 -44.39 -8.51 -23.08
C TRP A 92 -44.94 -8.49 -21.65
N VAL A 93 -44.04 -8.22 -20.71
CA VAL A 93 -44.32 -8.37 -19.28
C VAL A 93 -45.50 -7.51 -18.86
N PHE A 94 -45.64 -6.35 -19.50
CA PHE A 94 -46.65 -5.39 -19.05
C PHE A 94 -47.92 -5.39 -19.87
N GLN A 95 -47.99 -6.28 -20.87
CA GLN A 95 -49.01 -6.16 -21.91
C GLN A 95 -49.88 -7.42 -22.01
N ASP A 96 -51.10 -7.21 -22.53
CA ASP A 96 -51.97 -8.36 -22.73
C ASP A 96 -51.88 -8.81 -24.19
N GLY A 97 -52.75 -9.72 -24.60
CA GLY A 97 -52.78 -10.05 -26.03
C GLY A 97 -53.19 -8.86 -26.88
N GLN A 98 -54.19 -8.11 -26.40
CA GLN A 98 -54.69 -6.98 -27.16
C GLN A 98 -53.65 -5.87 -27.22
N GLY A 99 -52.61 -5.95 -26.41
CA GLY A 99 -51.65 -4.85 -26.46
C GLY A 99 -51.79 -3.88 -25.31
N HIS A 100 -52.94 -3.88 -24.65
CA HIS A 100 -53.11 -2.94 -23.54
C HIS A 100 -52.28 -3.34 -22.34
N PHE A 101 -52.09 -2.43 -21.41
CA PHE A 101 -51.41 -2.80 -20.16
C PHE A 101 -52.20 -3.84 -19.39
N VAL A 102 -51.53 -4.81 -18.78
CA VAL A 102 -52.24 -5.78 -17.98
C VAL A 102 -52.70 -5.19 -16.65
N SER A 103 -53.53 -5.97 -15.96
CA SER A 103 -53.98 -5.59 -14.63
C SER A 103 -52.92 -5.82 -13.56
N ARG A 104 -53.19 -5.23 -12.40
CA ARG A 104 -52.36 -5.42 -11.21
C ARG A 104 -52.22 -6.91 -10.92
N ASP A 105 -53.33 -7.65 -10.90
CA ASP A 105 -53.27 -9.04 -10.50
C ASP A 105 -52.45 -9.90 -11.45
N VAL A 106 -52.62 -9.61 -12.73
CA VAL A 106 -51.88 -10.33 -13.74
C VAL A 106 -50.40 -10.00 -13.69
N LEU A 107 -50.08 -8.70 -13.50
CA LEU A 107 -48.66 -8.39 -13.42
C LEU A 107 -48.03 -9.02 -12.17
N LEU A 108 -48.75 -9.09 -11.06
CA LEU A 108 -48.22 -9.78 -9.87
C LEU A 108 -48.01 -11.27 -10.11
N GLU A 109 -48.91 -11.91 -10.88
CA GLU A 109 -48.70 -13.32 -11.18
C GLU A 109 -47.43 -13.49 -12.03
N ARG A 110 -47.27 -12.62 -13.03
CA ARG A 110 -46.05 -12.72 -13.84
C ARG A 110 -44.76 -12.42 -13.06
N MET A 111 -44.83 -11.47 -12.13
CA MET A 111 -43.68 -11.15 -11.26
C MET A 111 -43.34 -12.35 -10.37
N LYS A 112 -44.37 -12.94 -9.75
CA LYS A 112 -44.15 -14.11 -8.90
C LYS A 112 -43.57 -15.29 -9.68
N CYS A 113 -44.13 -15.50 -10.89
CA CYS A 113 -43.61 -16.62 -11.67
C CYS A 113 -42.16 -16.43 -12.07
N HIS A 114 -41.84 -15.21 -12.52
CA HIS A 114 -40.41 -14.97 -12.85
C HIS A 114 -39.52 -15.17 -11.65
N ILE A 115 -39.87 -14.50 -10.56
CA ILE A 115 -39.02 -14.54 -9.36
C ILE A 115 -38.88 -15.98 -8.87
N SER A 116 -39.97 -16.72 -8.83
CA SER A 116 -39.94 -18.08 -8.34
C SER A 116 -39.06 -18.99 -9.18
N THR A 117 -39.20 -18.86 -10.51
CA THR A 117 -38.49 -19.75 -11.41
C THR A 117 -36.99 -19.45 -11.36
N VAL A 118 -36.62 -18.19 -11.43
CA VAL A 118 -35.20 -17.80 -11.42
C VAL A 118 -34.58 -18.09 -10.07
N VAL A 119 -35.18 -17.67 -8.96
CA VAL A 119 -34.52 -17.81 -7.65
C VAL A 119 -34.46 -19.27 -7.31
N ARG A 120 -35.53 -20.06 -7.60
CA ARG A 120 -35.41 -21.48 -7.24
C ARG A 120 -34.32 -22.19 -8.04
N ARG A 121 -34.10 -21.80 -9.32
CA ARG A 121 -33.03 -22.46 -10.09
C ARG A 121 -31.68 -22.34 -9.39
N TYR A 122 -31.38 -21.20 -8.78
CA TYR A 122 -30.03 -20.98 -8.27
C TYR A 122 -29.96 -21.05 -6.75
N LYS A 123 -31.05 -21.48 -6.13
CA LYS A 123 -31.05 -21.64 -4.65
C LYS A 123 -29.87 -22.53 -4.27
N GLY A 124 -29.16 -22.19 -3.20
CA GLY A 124 -28.00 -22.94 -2.74
C GLY A 124 -26.73 -22.57 -3.48
N LYS A 125 -26.82 -21.84 -4.60
CA LYS A 125 -25.58 -21.38 -5.25
C LYS A 125 -25.44 -19.86 -5.16
N ILE A 126 -26.57 -19.14 -5.18
CA ILE A 126 -26.58 -17.67 -5.13
C ILE A 126 -27.01 -17.25 -3.75
N TYR A 127 -26.23 -16.46 -3.03
CA TYR A 127 -26.58 -16.23 -1.64
C TYR A 127 -27.34 -14.93 -1.38
N CYS A 128 -27.42 -14.10 -2.41
CA CYS A 128 -28.16 -12.85 -2.25
C CYS A 128 -28.72 -12.39 -3.60
N TRP A 129 -29.81 -11.62 -3.57
CA TRP A 129 -30.42 -11.11 -4.80
C TRP A 129 -30.67 -9.60 -4.66
N ASP A 130 -30.35 -8.80 -5.66
CA ASP A 130 -30.89 -7.44 -5.87
C ASP A 130 -32.32 -7.62 -6.35
N VAL A 131 -33.27 -7.58 -5.43
CA VAL A 131 -34.68 -7.85 -5.77
C VAL A 131 -35.28 -6.65 -6.47
N ILE A 132 -35.07 -5.45 -5.88
CA ILE A 132 -35.53 -4.21 -6.49
C ILE A 132 -34.29 -3.36 -6.84
N ASN A 133 -34.28 -2.89 -8.09
CA ASN A 133 -33.17 -2.04 -8.52
C ASN A 133 -33.68 -0.65 -8.88
N GLU A 134 -33.14 0.39 -8.26
CA GLU A 134 -33.29 1.77 -8.76
C GLU A 134 -34.74 2.28 -8.78
N ALA A 135 -35.55 1.85 -7.79
CA ALA A 135 -36.94 2.34 -7.79
C ALA A 135 -37.08 3.78 -7.32
N VAL A 136 -36.13 4.29 -6.56
CA VAL A 136 -36.19 5.66 -6.03
C VAL A 136 -35.88 6.68 -7.11
N ALA A 137 -36.56 7.82 -7.09
CA ALA A 137 -36.33 8.86 -8.10
C ALA A 137 -34.91 9.41 -8.03
N ASP A 138 -34.26 9.66 -9.15
CA ASP A 138 -32.91 10.20 -9.23
C ASP A 138 -32.93 11.71 -9.45
N GLU A 139 -34.13 12.24 -9.61
CA GLU A 139 -34.34 13.65 -9.79
C GLU A 139 -35.70 14.07 -9.25
N GLY A 140 -35.79 15.37 -8.98
CA GLY A 140 -37.03 15.95 -8.55
C GLY A 140 -37.40 15.61 -7.12
N ASP A 141 -38.62 15.94 -6.74
CA ASP A 141 -39.04 15.78 -5.36
C ASP A 141 -39.80 14.51 -5.05
N GLU A 142 -40.21 13.69 -6.01
CA GLU A 142 -41.02 12.52 -5.63
C GLU A 142 -40.11 11.48 -5.01
N LEU A 143 -40.64 10.54 -4.25
CA LEU A 143 -39.84 9.48 -3.67
C LEU A 143 -39.43 8.49 -4.76
N LEU A 144 -40.42 8.14 -5.59
CA LEU A 144 -40.27 7.02 -6.53
C LEU A 144 -40.21 7.45 -7.99
N ARG A 145 -39.35 6.81 -8.75
CA ARG A 145 -39.31 6.90 -10.21
C ARG A 145 -40.56 6.32 -10.86
N PRO A 146 -41.05 6.86 -11.99
CA PRO A 146 -42.12 6.16 -12.70
C PRO A 146 -41.56 4.85 -13.27
N SER A 147 -42.43 3.86 -13.31
CA SER A 147 -42.11 2.64 -14.04
C SER A 147 -43.42 1.91 -14.29
N LYS A 148 -43.37 1.01 -15.28
CA LYS A 148 -44.61 0.27 -15.53
C LYS A 148 -44.98 -0.67 -14.38
N TRP A 149 -43.96 -1.19 -13.68
CA TRP A 149 -44.23 -2.02 -12.53
C TRP A 149 -45.11 -1.21 -11.56
N ARG A 150 -44.61 0.00 -11.27
CA ARG A 150 -45.31 0.84 -10.32
C ARG A 150 -46.66 1.34 -10.83
N GLN A 151 -46.73 1.69 -12.10
CA GLN A 151 -47.97 2.14 -12.72
C GLN A 151 -49.07 1.09 -12.61
N ILE A 152 -48.73 -0.14 -12.97
CA ILE A 152 -49.76 -1.16 -13.06
C ILE A 152 -50.09 -1.75 -11.70
N ILE A 153 -49.12 -2.03 -10.84
CA ILE A 153 -49.40 -2.70 -9.57
C ILE A 153 -49.83 -1.71 -8.49
N GLY A 154 -49.18 -0.57 -8.44
CA GLY A 154 -49.28 0.40 -7.37
C GLY A 154 -47.96 0.49 -6.61
N ASP A 155 -47.86 1.44 -5.68
CA ASP A 155 -46.60 1.57 -4.95
C ASP A 155 -46.27 0.37 -4.06
N ASP A 156 -47.14 -0.62 -3.82
CA ASP A 156 -46.73 -1.77 -3.02
C ASP A 156 -46.05 -2.83 -3.89
N PHE A 157 -45.71 -2.51 -5.14
CA PHE A 157 -45.03 -3.52 -5.95
C PHE A 157 -43.73 -4.00 -5.29
N MET A 158 -43.01 -3.14 -4.55
CA MET A 158 -41.75 -3.59 -3.97
C MET A 158 -41.97 -4.55 -2.82
N GLU A 159 -43.00 -4.28 -2.01
CA GLU A 159 -43.36 -5.20 -0.94
C GLU A 159 -43.56 -6.61 -1.49
N GLN A 160 -44.33 -6.66 -2.57
CA GLN A 160 -44.67 -7.96 -3.18
C GLN A 160 -43.42 -8.64 -3.72
N ALA A 161 -42.56 -7.90 -4.43
CA ALA A 161 -41.36 -8.53 -4.97
C ALA A 161 -40.50 -9.14 -3.86
N PHE A 162 -40.28 -8.41 -2.77
CA PHE A 162 -39.51 -8.96 -1.66
C PHE A 162 -40.18 -10.19 -1.06
N LEU A 163 -41.48 -10.16 -0.85
CA LEU A 163 -42.18 -11.36 -0.31
C LEU A 163 -42.11 -12.55 -1.25
N TYR A 164 -42.23 -12.35 -2.56
CA TYR A 164 -42.11 -13.47 -3.51
C TYR A 164 -40.70 -14.06 -3.51
N ALA A 165 -39.66 -13.22 -3.45
CA ALA A 165 -38.28 -13.72 -3.46
C ALA A 165 -38.01 -14.45 -2.15
N TYR A 166 -38.53 -13.96 -1.01
CA TYR A 166 -38.28 -14.62 0.26
C TYR A 166 -38.90 -16.02 0.28
N GLU A 167 -40.14 -16.12 -0.27
CA GLU A 167 -40.78 -17.42 -0.37
C GLU A 167 -39.99 -18.38 -1.27
N ALA A 168 -39.37 -17.85 -2.33
CA ALA A 168 -38.63 -18.70 -3.26
C ALA A 168 -37.32 -19.21 -2.65
N ASP A 169 -36.63 -18.35 -1.88
CA ASP A 169 -35.45 -18.80 -1.14
C ASP A 169 -35.32 -18.02 0.18
N PRO A 170 -35.94 -18.45 1.27
CA PRO A 170 -35.88 -17.71 2.51
C PRO A 170 -34.48 -17.68 3.12
N ASP A 171 -33.50 -18.41 2.58
CA ASP A 171 -32.14 -18.29 3.11
C ASP A 171 -31.31 -17.26 2.35
N ALA A 172 -31.88 -16.68 1.31
CA ALA A 172 -31.12 -15.64 0.58
C ALA A 172 -31.12 -14.31 1.29
N LEU A 173 -30.12 -13.48 1.10
CA LEU A 173 -30.24 -12.10 1.55
C LEU A 173 -30.79 -11.25 0.41
N LEU A 174 -31.86 -10.49 0.74
CA LEU A 174 -32.55 -9.72 -0.30
C LEU A 174 -32.23 -8.24 -0.19
N PHE A 175 -31.85 -7.67 -1.35
CA PHE A 175 -31.38 -6.30 -1.39
C PHE A 175 -32.27 -5.34 -2.21
N TYR A 176 -32.29 -4.09 -1.74
CA TYR A 176 -32.67 -2.91 -2.49
C TYR A 176 -31.34 -2.33 -3.02
N ASN A 177 -31.17 -2.14 -4.34
CA ASN A 177 -29.92 -1.69 -4.94
C ASN A 177 -30.12 -0.39 -5.70
N ASP A 178 -29.20 0.58 -5.49
CA ASP A 178 -29.35 1.83 -6.23
C ASP A 178 -28.05 2.62 -6.32
N TYR A 179 -28.07 3.61 -7.19
CA TYR A 179 -26.92 4.48 -7.43
C TYR A 179 -27.22 5.91 -6.97
N ASN A 180 -26.18 6.74 -6.99
CA ASN A 180 -26.18 8.09 -6.41
C ASN A 180 -26.69 8.03 -4.99
N GLU A 181 -26.40 6.95 -4.31
CA GLU A 181 -26.86 6.54 -3.00
C GLU A 181 -26.26 7.37 -1.86
N CYS A 182 -25.22 8.16 -2.09
CA CYS A 182 -24.65 9.02 -1.05
C CYS A 182 -24.99 10.48 -1.24
N PHE A 183 -25.67 10.89 -2.33
CA PHE A 183 -26.13 12.28 -2.41
C PHE A 183 -27.27 12.48 -1.38
N PRO A 184 -27.15 13.45 -0.48
CA PRO A 184 -28.08 13.50 0.67
C PRO A 184 -29.55 13.43 0.33
N GLU A 185 -30.04 14.13 -0.67
CA GLU A 185 -31.50 14.06 -0.92
C GLU A 185 -31.91 12.64 -1.27
N LYS A 186 -31.10 11.98 -2.10
CA LYS A 186 -31.50 10.64 -2.57
C LYS A 186 -31.24 9.64 -1.46
N ARG A 187 -30.17 9.83 -0.70
CA ARG A 187 -29.95 9.00 0.48
C ARG A 187 -31.17 9.04 1.39
N GLU A 188 -31.76 10.22 1.60
CA GLU A 188 -32.90 10.28 2.54
C GLU A 188 -34.09 9.56 1.94
N LYS A 189 -34.24 9.57 0.61
CA LYS A 189 -35.37 8.82 0.01
C LYS A 189 -35.16 7.32 0.17
N ILE A 190 -33.92 6.87 -0.08
CA ILE A 190 -33.61 5.44 0.03
C ILE A 190 -33.81 4.96 1.47
N PHE A 191 -33.29 5.73 2.41
CA PHE A 191 -33.50 5.42 3.81
C PHE A 191 -34.98 5.36 4.15
N ALA A 192 -35.74 6.38 3.78
CA ALA A 192 -37.17 6.39 4.11
C ALA A 192 -37.89 5.17 3.55
N LEU A 193 -37.57 4.86 2.29
CA LEU A 193 -38.24 3.74 1.65
C LEU A 193 -37.92 2.44 2.38
N VAL A 194 -36.62 2.18 2.58
CA VAL A 194 -36.23 0.90 3.24
C VAL A 194 -36.75 0.85 4.67
N LYS A 195 -36.71 1.99 5.37
CA LYS A 195 -37.30 2.03 6.72
C LYS A 195 -38.76 1.65 6.68
N SER A 196 -39.47 2.25 5.71
CA SER A 196 -40.91 1.95 5.67
C SER A 196 -41.11 0.47 5.37
N LEU A 197 -40.34 -0.18 4.53
CA LEU A 197 -40.59 -1.60 4.26
C LEU A 197 -40.26 -2.46 5.47
N ARG A 198 -39.14 -2.14 6.14
CA ARG A 198 -38.80 -2.94 7.34
C ARG A 198 -39.83 -2.73 8.44
N ASP A 199 -40.34 -1.48 8.51
CA ASP A 199 -41.36 -1.18 9.54
C ASP A 199 -42.66 -1.94 9.32
N LYS A 200 -42.85 -2.49 8.12
CA LYS A 200 -43.98 -3.37 7.81
C LYS A 200 -43.56 -4.84 7.91
N GLY A 201 -42.31 -5.12 8.29
CA GLY A 201 -41.96 -6.55 8.37
C GLY A 201 -41.58 -7.13 7.03
N ILE A 202 -41.39 -6.34 5.97
CA ILE A 202 -40.96 -6.90 4.67
C ILE A 202 -39.55 -7.45 4.74
N PRO A 203 -39.31 -8.63 4.15
CA PRO A 203 -37.97 -9.23 4.17
C PRO A 203 -36.99 -8.58 3.22
N ILE A 204 -36.60 -7.36 3.56
CA ILE A 204 -35.49 -6.69 2.94
C ILE A 204 -34.32 -6.80 3.92
N HIS A 205 -33.24 -7.45 3.53
CA HIS A 205 -32.12 -7.67 4.47
C HIS A 205 -30.97 -6.73 4.22
N GLY A 206 -30.92 -6.11 3.02
CA GLY A 206 -29.69 -5.38 2.71
C GLY A 206 -29.96 -4.21 1.78
N ILE A 207 -29.02 -3.27 1.82
CA ILE A 207 -28.99 -2.16 0.88
C ILE A 207 -27.72 -2.30 0.04
N GLY A 208 -27.88 -2.23 -1.27
CA GLY A 208 -26.74 -2.31 -2.20
C GLY A 208 -26.46 -0.88 -2.64
N MET A 209 -25.22 -0.48 -2.35
CA MET A 209 -24.71 0.83 -2.74
C MET A 209 -23.95 0.66 -4.04
N GLN A 210 -24.54 1.11 -5.18
CA GLN A 210 -23.87 0.79 -6.46
C GLN A 210 -22.47 1.41 -6.54
N ALA A 211 -22.30 2.64 -6.05
CA ALA A 211 -20.98 3.31 -6.01
C ALA A 211 -20.42 3.49 -7.42
N HIS A 212 -21.23 4.03 -8.32
CA HIS A 212 -20.78 4.48 -9.65
C HIS A 212 -20.30 5.93 -9.42
N TRP A 213 -19.05 6.02 -8.99
CA TRP A 213 -18.51 7.27 -8.43
C TRP A 213 -17.54 7.93 -9.41
N SER A 214 -17.20 9.18 -9.08
CA SER A 214 -16.24 9.94 -9.85
C SER A 214 -15.04 10.27 -8.96
N LEU A 215 -14.08 11.04 -9.47
CA LEU A 215 -12.92 11.36 -8.66
C LEU A 215 -13.33 12.28 -7.50
N THR A 216 -14.36 13.13 -7.71
CA THR A 216 -14.77 14.12 -6.71
C THR A 216 -16.06 13.80 -5.96
N ARG A 217 -16.96 13.05 -6.62
CA ARG A 217 -18.29 12.84 -6.03
C ARG A 217 -18.63 11.37 -5.85
N PRO A 218 -19.27 11.02 -4.75
CA PRO A 218 -19.62 11.78 -3.56
C PRO A 218 -18.37 12.05 -2.72
N SER A 219 -18.46 13.02 -1.82
CA SER A 219 -17.31 13.30 -0.97
C SER A 219 -17.15 12.17 0.04
N LEU A 220 -15.97 12.07 0.65
CA LEU A 220 -15.80 11.06 1.69
C LEU A 220 -16.76 11.26 2.86
N ASP A 221 -17.03 12.51 3.24
CA ASP A 221 -18.02 12.76 4.31
C ASP A 221 -19.41 12.24 3.93
N GLU A 222 -19.80 12.43 2.66
CA GLU A 222 -21.05 11.90 2.13
C GLU A 222 -21.10 10.38 2.18
N ILE A 223 -19.98 9.72 1.87
CA ILE A 223 -20.01 8.25 1.89
C ILE A 223 -20.16 7.78 3.31
N ARG A 224 -19.39 8.40 4.21
CA ARG A 224 -19.47 8.03 5.64
C ARG A 224 -20.91 8.17 6.15
N ALA A 225 -21.50 9.34 5.80
CA ALA A 225 -22.83 9.61 6.31
C ALA A 225 -23.86 8.61 5.78
N ALA A 226 -23.73 8.24 4.51
CA ALA A 226 -24.65 7.28 3.91
C ALA A 226 -24.45 5.89 4.53
N ILE A 227 -23.18 5.45 4.67
CA ILE A 227 -22.98 4.15 5.34
C ILE A 227 -23.63 4.18 6.72
N GLU A 228 -23.37 5.23 7.51
CA GLU A 228 -23.97 5.26 8.87
C GLU A 228 -25.48 5.30 8.84
N ARG A 229 -26.02 6.09 7.91
CA ARG A 229 -27.50 6.23 7.81
C ARG A 229 -28.14 4.89 7.51
N TYR A 230 -27.62 4.22 6.45
CA TYR A 230 -28.21 2.93 6.07
C TYR A 230 -27.95 1.87 7.12
N ALA A 231 -26.74 1.84 7.70
CA ALA A 231 -26.49 0.82 8.73
C ALA A 231 -27.43 1.00 9.89
N SER A 232 -27.84 2.26 10.14
CA SER A 232 -28.71 2.48 11.33
C SER A 232 -30.06 1.79 11.21
N LEU A 233 -30.45 1.34 10.02
CA LEU A 233 -31.62 0.52 9.78
C LEU A 233 -31.45 -0.96 10.18
N GLY A 234 -30.23 -1.44 10.44
CA GLY A 234 -30.01 -2.81 10.84
C GLY A 234 -29.81 -3.69 9.63
N VAL A 235 -29.66 -3.10 8.44
CA VAL A 235 -29.46 -3.94 7.26
C VAL A 235 -28.00 -4.28 7.01
N VAL A 236 -27.73 -5.27 6.16
CA VAL A 236 -26.40 -5.58 5.63
C VAL A 236 -26.08 -4.58 4.54
N LEU A 237 -24.84 -4.10 4.39
CA LEU A 237 -24.49 -3.25 3.27
C LEU A 237 -23.57 -4.03 2.35
N HIS A 238 -23.85 -3.97 1.04
CA HIS A 238 -22.90 -4.37 0.02
C HIS A 238 -22.60 -3.15 -0.84
N ILE A 239 -21.33 -2.98 -1.17
CA ILE A 239 -20.98 -2.03 -2.23
C ILE A 239 -21.03 -2.89 -3.50
N THR A 240 -21.92 -2.57 -4.43
CA THR A 240 -22.31 -3.58 -5.44
C THR A 240 -21.74 -3.42 -6.82
N GLU A 241 -21.40 -2.19 -7.27
CA GLU A 241 -21.03 -1.93 -8.66
C GLU A 241 -19.93 -0.88 -8.71
N LEU A 242 -18.94 -0.98 -7.84
CA LEU A 242 -17.96 0.08 -7.68
C LEU A 242 -17.13 0.36 -8.94
N ASP A 243 -17.03 1.63 -9.32
CA ASP A 243 -16.01 2.05 -10.29
C ASP A 243 -15.78 3.54 -10.02
N VAL A 244 -14.62 4.01 -10.45
CA VAL A 244 -14.21 5.41 -10.21
C VAL A 244 -13.88 5.99 -11.58
N SER A 245 -14.91 6.66 -12.12
CA SER A 245 -14.80 7.26 -13.43
C SER A 245 -13.80 8.42 -13.46
N MET A 246 -13.05 8.48 -14.59
CA MET A 246 -12.12 9.56 -14.80
C MET A 246 -12.84 10.84 -15.22
N PHE A 247 -14.15 10.80 -15.42
CA PHE A 247 -14.92 11.95 -15.87
C PHE A 247 -16.02 12.33 -14.90
N GLU A 248 -16.11 13.60 -14.53
CA GLU A 248 -17.31 14.04 -13.79
C GLU A 248 -18.54 14.04 -14.72
N PHE A 249 -19.72 14.14 -14.10
CA PHE A 249 -20.97 14.04 -14.84
C PHE A 249 -21.11 15.13 -15.88
N HIS A 250 -20.56 16.32 -15.68
CA HIS A 250 -20.58 17.43 -16.61
C HIS A 250 -19.53 17.27 -17.73
N ASP A 251 -18.61 16.32 -17.60
CA ASP A 251 -17.47 16.24 -18.54
C ASP A 251 -17.74 15.14 -19.57
N ARG A 252 -18.19 15.60 -20.75
CA ARG A 252 -18.61 14.70 -21.80
C ARG A 252 -17.59 14.68 -22.94
N ARG A 253 -16.33 14.95 -22.58
CA ARG A 253 -15.28 14.86 -23.59
C ARG A 253 -15.16 13.48 -24.24
N THR A 254 -14.84 13.48 -25.55
CA THR A 254 -14.72 12.23 -26.29
C THR A 254 -13.30 11.95 -26.81
N ASP A 255 -12.45 12.95 -26.75
CA ASP A 255 -11.13 13.11 -27.35
C ASP A 255 -9.98 12.47 -26.60
N LEU A 256 -10.16 12.22 -25.31
CA LEU A 256 -9.02 11.79 -24.49
C LEU A 256 -8.61 10.36 -24.80
N ALA A 257 -7.38 10.20 -25.28
CA ALA A 257 -7.04 8.82 -25.63
C ALA A 257 -6.33 8.05 -24.54
N ALA A 258 -6.04 8.75 -23.45
CA ALA A 258 -5.41 8.17 -22.26
C ALA A 258 -5.67 9.08 -21.06
N PRO A 259 -5.69 8.52 -19.86
CA PRO A 259 -5.87 9.40 -18.68
C PRO A 259 -4.61 10.23 -18.49
N THR A 260 -4.73 11.45 -17.98
CA THR A 260 -3.56 12.20 -17.59
C THR A 260 -2.87 11.60 -16.36
N SER A 261 -1.60 12.00 -16.17
CA SER A 261 -0.97 11.52 -14.92
C SER A 261 -1.72 12.03 -13.70
N GLU A 262 -2.23 13.26 -13.79
CA GLU A 262 -3.02 13.79 -12.67
C GLU A 262 -4.29 12.98 -12.42
N MET A 263 -4.96 12.54 -13.50
CA MET A 263 -6.14 11.68 -13.24
C MET A 263 -5.72 10.37 -12.60
N ILE A 264 -4.62 9.81 -13.06
CA ILE A 264 -4.22 8.51 -12.56
C ILE A 264 -3.85 8.64 -11.09
N GLU A 265 -3.18 9.74 -10.74
CA GLU A 265 -2.77 9.97 -9.35
C GLU A 265 -3.95 10.24 -8.42
N ARG A 266 -4.86 11.11 -8.88
CA ARG A 266 -6.04 11.37 -8.08
C ARG A 266 -6.89 10.11 -7.93
N GLN A 267 -7.00 9.30 -8.97
CA GLN A 267 -7.80 8.06 -8.85
C GLN A 267 -7.16 7.16 -7.82
N ALA A 268 -5.82 7.16 -7.79
CA ALA A 268 -5.16 6.29 -6.80
C ALA A 268 -5.48 6.78 -5.38
N GLU A 269 -5.30 8.08 -5.15
CA GLU A 269 -5.69 8.68 -3.87
C GLU A 269 -7.16 8.38 -3.55
N ARG A 270 -8.04 8.56 -4.53
CA ARG A 270 -9.48 8.36 -4.28
C ARG A 270 -9.78 6.92 -3.84
N TYR A 271 -9.19 5.92 -4.55
CA TYR A 271 -9.43 4.54 -4.17
C TYR A 271 -8.81 4.21 -2.82
N GLY A 272 -7.63 4.80 -2.48
CA GLY A 272 -7.12 4.54 -1.14
C GLY A 272 -8.08 5.11 -0.08
N GLN A 273 -8.63 6.30 -0.33
CA GLN A 273 -9.49 6.93 0.66
C GLN A 273 -10.77 6.13 0.86
N ILE A 274 -11.31 5.63 -0.25
CA ILE A 274 -12.57 4.87 -0.23
C ILE A 274 -12.40 3.56 0.51
N PHE A 275 -11.32 2.83 0.20
CA PHE A 275 -11.08 1.55 0.86
C PHE A 275 -10.76 1.78 2.33
N ALA A 276 -10.11 2.91 2.68
CA ALA A 276 -9.84 3.11 4.09
C ALA A 276 -11.16 3.24 4.85
N LEU A 277 -12.06 3.96 4.18
CA LEU A 277 -13.40 4.15 4.78
C LEU A 277 -14.16 2.83 4.85
N PHE A 278 -14.10 2.00 3.81
CA PHE A 278 -14.82 0.69 3.81
C PHE A 278 -14.27 -0.19 4.93
N LYS A 279 -12.94 -0.23 5.07
CA LYS A 279 -12.32 -1.04 6.13
C LYS A 279 -12.74 -0.54 7.51
N GLU A 280 -12.82 0.80 7.66
CA GLU A 280 -13.31 1.38 8.92
C GLU A 280 -14.72 0.88 9.21
N TYR A 281 -15.54 0.67 8.19
CA TYR A 281 -16.91 0.16 8.43
C TYR A 281 -17.07 -1.32 8.13
N ARG A 282 -16.00 -2.08 8.37
CA ARG A 282 -16.02 -3.50 8.10
C ARG A 282 -17.10 -4.24 8.88
N ASP A 283 -17.50 -3.75 10.04
CA ASP A 283 -18.55 -4.44 10.77
C ASP A 283 -19.90 -4.36 10.07
N VAL A 284 -20.17 -3.44 9.15
CA VAL A 284 -21.49 -3.41 8.47
C VAL A 284 -21.34 -3.70 6.97
N ILE A 285 -20.18 -3.46 6.37
CA ILE A 285 -20.00 -3.77 4.96
C ILE A 285 -19.49 -5.20 4.86
N GLN A 286 -20.18 -6.06 4.09
CA GLN A 286 -19.81 -7.45 3.98
C GLN A 286 -19.32 -7.85 2.59
N SER A 287 -19.48 -6.95 1.62
CA SER A 287 -18.99 -7.27 0.28
C SER A 287 -18.75 -5.99 -0.53
N VAL A 288 -17.67 -5.96 -1.30
CA VAL A 288 -17.36 -4.87 -2.22
C VAL A 288 -17.14 -5.50 -3.59
N THR A 289 -18.06 -5.24 -4.51
CA THR A 289 -17.99 -5.69 -5.87
C THR A 289 -17.68 -4.52 -6.79
N PHE A 290 -16.71 -4.72 -7.67
CA PHE A 290 -16.43 -3.73 -8.69
C PHE A 290 -17.23 -4.05 -9.95
N TRP A 291 -17.65 -3.04 -10.72
CA TRP A 291 -18.44 -3.32 -11.96
C TRP A 291 -17.49 -3.64 -13.11
N GLY A 292 -16.75 -4.73 -12.88
CA GLY A 292 -15.65 -5.14 -13.80
C GLY A 292 -14.43 -5.56 -12.99
N ILE A 293 -13.27 -5.67 -13.63
CA ILE A 293 -12.01 -5.89 -12.88
C ILE A 293 -10.84 -5.19 -13.53
N ALA A 294 -10.84 -5.01 -14.85
CA ALA A 294 -9.74 -4.30 -15.53
C ALA A 294 -10.27 -3.42 -16.68
N ASP A 295 -9.49 -2.40 -17.01
CA ASP A 295 -9.90 -1.30 -17.86
C ASP A 295 -10.10 -1.72 -19.31
N ASP A 296 -9.78 -2.98 -19.65
CA ASP A 296 -10.12 -3.49 -20.99
C ASP A 296 -11.61 -3.78 -21.10
N HIS A 297 -12.39 -3.73 -20.03
CA HIS A 297 -13.84 -3.92 -20.16
C HIS A 297 -14.54 -3.08 -19.09
N THR A 298 -15.28 -2.08 -19.52
CA THR A 298 -16.07 -1.32 -18.54
C THR A 298 -17.26 -0.71 -19.27
N TRP A 299 -18.43 -0.79 -18.63
CA TRP A 299 -19.59 -0.14 -19.23
C TRP A 299 -19.42 1.38 -19.37
N LEU A 300 -18.46 1.95 -18.64
CA LEU A 300 -18.27 3.39 -18.74
C LEU A 300 -17.63 3.82 -20.04
N ASP A 301 -17.14 2.93 -20.87
CA ASP A 301 -16.61 3.33 -22.18
C ASP A 301 -17.75 3.92 -23.03
N ASN A 302 -18.97 3.42 -22.81
CA ASN A 302 -20.11 3.88 -23.61
C ASN A 302 -21.22 4.55 -22.80
N PHE A 303 -21.06 4.66 -21.49
CA PHE A 303 -22.04 5.38 -20.70
C PHE A 303 -21.32 6.37 -19.79
N PRO A 304 -21.80 7.61 -19.66
CA PRO A 304 -22.98 8.15 -20.33
C PRO A 304 -22.72 8.69 -21.73
N VAL A 305 -21.50 8.58 -22.23
CA VAL A 305 -21.14 8.99 -23.59
C VAL A 305 -20.79 7.80 -24.47
N HIS A 306 -21.50 7.57 -25.59
CA HIS A 306 -21.12 6.39 -26.36
C HIS A 306 -19.75 6.54 -27.00
N GLY A 307 -19.00 5.43 -27.04
CA GLY A 307 -17.86 5.37 -27.92
C GLY A 307 -16.65 6.10 -27.41
N ARG A 308 -16.56 6.34 -26.09
CA ARG A 308 -15.27 6.91 -25.65
C ARG A 308 -14.54 5.80 -24.90
N LYS A 309 -13.55 6.20 -24.12
CA LYS A 309 -12.82 5.23 -23.30
C LYS A 309 -12.71 5.76 -21.87
N ASN A 310 -12.85 4.90 -20.89
CA ASN A 310 -12.70 5.29 -19.49
C ASN A 310 -11.74 4.30 -18.84
N TRP A 311 -11.22 4.62 -17.66
CA TRP A 311 -10.16 3.82 -17.01
C TRP A 311 -10.50 3.73 -15.52
N PRO A 312 -11.57 3.01 -15.17
CA PRO A 312 -12.14 3.18 -13.84
C PRO A 312 -11.73 2.18 -12.76
N LEU A 313 -10.90 1.21 -13.07
CA LEU A 313 -10.75 0.04 -12.19
C LEU A 313 -9.33 -0.06 -11.64
N LEU A 314 -9.02 -1.15 -10.91
CA LEU A 314 -7.70 -1.22 -10.26
C LEU A 314 -6.62 -1.78 -11.20
N PHE A 315 -6.96 -2.40 -12.29
CA PHE A 315 -6.05 -3.01 -13.24
C PHE A 315 -6.24 -2.37 -14.62
N ASP A 316 -5.10 -2.25 -15.35
CA ASP A 316 -5.15 -1.52 -16.61
C ASP A 316 -5.54 -2.48 -17.74
N GLU A 317 -5.46 -2.05 -19.00
CA GLU A 317 -5.93 -2.87 -20.11
C GLU A 317 -5.07 -4.09 -20.35
N GLN A 318 -3.83 -4.02 -19.88
CA GLN A 318 -2.96 -5.18 -19.98
C GLN A 318 -3.04 -5.99 -18.69
N HIS A 319 -4.00 -5.71 -17.83
CA HIS A 319 -4.26 -6.46 -16.62
C HIS A 319 -3.15 -6.33 -15.56
N LYS A 320 -2.39 -5.25 -15.68
CA LYS A 320 -1.37 -4.94 -14.67
C LYS A 320 -1.92 -4.00 -13.60
N PRO A 321 -1.47 -4.08 -12.35
CA PRO A 321 -2.00 -3.15 -11.34
C PRO A 321 -1.66 -1.69 -11.64
N LYS A 322 -2.60 -0.81 -11.37
CA LYS A 322 -2.45 0.63 -11.52
C LYS A 322 -2.07 1.20 -10.16
N PRO A 323 -1.63 2.46 -10.11
CA PRO A 323 -1.35 3.15 -8.83
C PRO A 323 -2.50 2.96 -7.84
N ALA A 324 -3.74 2.97 -8.33
CA ALA A 324 -4.90 2.73 -7.45
C ALA A 324 -4.86 1.38 -6.74
N PHE A 325 -4.36 0.34 -7.39
CA PHE A 325 -4.28 -0.96 -6.73
C PHE A 325 -3.49 -0.88 -5.42
N TRP A 326 -2.29 -0.23 -5.54
CA TRP A 326 -1.37 -0.24 -4.41
C TRP A 326 -1.92 0.55 -3.24
N ARG A 327 -2.64 1.63 -3.54
CA ARG A 327 -3.25 2.34 -2.41
C ARG A 327 -4.42 1.59 -1.83
N ALA A 328 -5.24 0.96 -2.69
CA ALA A 328 -6.39 0.20 -2.18
C ALA A 328 -5.94 -0.92 -1.27
N VAL A 329 -4.91 -1.68 -1.67
CA VAL A 329 -4.55 -2.84 -0.85
C VAL A 329 -3.73 -2.45 0.37
N SER A 330 -3.35 -1.18 0.51
CA SER A 330 -2.45 -0.91 1.66
C SER A 330 -3.11 -0.19 2.84
N VAL A 331 -4.43 -0.06 2.82
CA VAL A 331 -5.19 0.58 3.89
C VAL A 331 -5.26 -0.28 5.16
N SER B 4 -1.92 14.32 0.02
CA SER B 4 -1.24 14.31 1.34
C SER B 4 -1.10 12.86 1.79
N LEU B 5 0.04 12.27 1.48
CA LEU B 5 0.37 10.93 1.88
C LEU B 5 0.49 10.77 3.39
N PRO B 6 0.40 9.53 3.88
CA PRO B 6 0.83 9.30 5.27
C PRO B 6 2.29 9.70 5.45
N SER B 7 2.63 10.31 6.58
CA SER B 7 4.03 10.65 6.85
C SER B 7 4.79 9.49 7.48
N LEU B 8 5.94 9.06 6.89
CA LEU B 8 6.62 7.89 7.42
C LEU B 8 6.90 7.99 8.92
N ARG B 9 7.42 9.12 9.41
CA ARG B 9 7.74 9.23 10.83
C ARG B 9 6.48 9.06 11.71
N ASP B 10 5.33 9.45 11.16
CA ASP B 10 4.07 9.33 11.89
C ASP B 10 3.55 7.91 11.87
N VAL B 11 3.62 7.25 10.73
CA VAL B 11 3.14 5.87 10.61
C VAL B 11 3.86 4.99 11.62
N PHE B 12 5.17 5.30 11.76
CA PHE B 12 6.04 4.51 12.64
C PHE B 12 6.32 5.19 13.98
N ALA B 13 5.47 6.12 14.38
CA ALA B 13 5.73 6.95 15.56
C ALA B 13 5.91 6.10 16.82
N ASN B 14 5.21 4.99 16.93
CA ASN B 14 5.28 4.16 18.12
C ASN B 14 6.34 3.08 18.01
N ASP B 15 7.08 3.04 16.92
CA ASP B 15 7.98 1.95 16.63
C ASP B 15 9.44 2.38 16.58
N PHE B 16 9.77 3.39 15.78
CA PHE B 16 11.15 3.86 15.61
C PHE B 16 11.21 5.16 14.82
N ARG B 17 12.31 5.93 14.99
CA ARG B 17 12.55 7.06 14.11
C ARG B 17 12.69 6.59 12.66
N ILE B 18 12.42 7.47 11.70
CA ILE B 18 12.63 7.19 10.29
C ILE B 18 13.61 8.22 9.76
N GLY B 19 14.72 7.77 9.22
CA GLY B 19 15.78 8.68 8.80
C GLY B 19 16.10 8.60 7.31
N ALA B 20 16.91 9.57 6.90
CA ALA B 20 17.51 9.62 5.57
C ALA B 20 18.95 10.13 5.59
N ALA B 21 19.77 9.50 4.79
CA ALA B 21 21.09 10.05 4.42
C ALA B 21 20.92 11.24 3.48
N VAL B 22 21.70 12.31 3.75
CA VAL B 22 21.62 13.55 2.98
C VAL B 22 22.99 14.19 2.80
N ASN B 23 23.08 15.13 1.86
CA ASN B 23 24.19 16.09 1.81
C ASN B 23 23.66 17.49 1.58
N PRO B 24 24.35 18.61 1.61
CA PRO B 24 23.66 19.87 1.29
C PRO B 24 23.00 19.97 -0.07
N VAL B 25 23.44 19.32 -1.12
CA VAL B 25 22.72 19.34 -2.38
C VAL B 25 21.43 18.53 -2.34
N THR B 26 21.40 17.33 -1.75
CA THR B 26 20.15 16.60 -1.68
C THR B 26 19.19 17.19 -0.63
N ILE B 27 19.65 17.92 0.36
CA ILE B 27 18.67 18.61 1.23
C ILE B 27 17.93 19.61 0.38
N GLU B 28 18.56 20.32 -0.56
CA GLU B 28 17.78 21.22 -1.41
C GLU B 28 16.96 20.43 -2.44
N MET B 29 17.51 19.40 -3.07
CA MET B 29 16.75 18.70 -4.12
C MET B 29 15.61 17.87 -3.58
N GLN B 30 15.70 17.37 -2.32
CA GLN B 30 14.64 16.53 -1.77
C GLN B 30 14.01 17.12 -0.51
N LYS B 31 14.10 18.46 -0.34
CA LYS B 31 13.77 19.09 0.91
C LYS B 31 12.34 18.79 1.38
N GLN B 32 11.38 18.84 0.47
CA GLN B 32 10.00 18.67 0.95
C GLN B 32 9.74 17.23 1.36
N LEU B 33 10.33 16.26 0.64
CA LEU B 33 10.15 14.88 1.04
C LEU B 33 10.75 14.67 2.44
N LEU B 34 11.95 15.24 2.67
CA LEU B 34 12.57 15.11 4.02
C LEU B 34 11.66 15.71 5.09
N ILE B 35 11.24 16.95 4.84
CA ILE B 35 10.38 17.62 5.81
C ILE B 35 9.09 16.86 6.05
N ASP B 36 8.51 16.28 5.01
CA ASP B 36 7.26 15.57 5.18
C ASP B 36 7.40 14.22 5.86
N HIS B 37 8.57 13.57 5.78
CA HIS B 37 8.64 12.15 6.19
C HIS B 37 9.58 11.79 7.32
N VAL B 38 10.74 12.47 7.46
CA VAL B 38 11.74 11.88 8.36
C VAL B 38 11.82 12.68 9.66
N ASN B 39 12.30 11.99 10.71
CA ASN B 39 12.69 12.68 11.96
C ASN B 39 14.09 12.33 12.36
N SER B 40 14.93 11.93 11.40
CA SER B 40 16.34 11.70 11.66
C SER B 40 17.07 11.89 10.34
N ILE B 41 18.30 12.39 10.46
CA ILE B 41 19.16 12.65 9.32
C ILE B 41 20.55 12.13 9.58
N THR B 42 21.21 11.55 8.60
CA THR B 42 22.63 11.18 8.64
C THR B 42 23.37 11.87 7.52
N ALA B 43 24.58 12.40 7.73
CA ALA B 43 25.34 12.91 6.58
C ALA B 43 25.89 11.73 5.78
N GLU B 44 25.56 11.64 4.50
CA GLU B 44 26.05 10.57 3.64
C GLU B 44 27.56 10.54 3.60
N ASN B 45 28.21 11.70 3.55
CA ASN B 45 29.64 11.77 3.40
C ASN B 45 30.30 12.83 4.29
N HIS B 46 29.59 13.92 4.65
CA HIS B 46 30.33 15.12 5.09
C HIS B 46 30.70 15.12 6.56
N MET B 47 30.45 14.04 7.28
CA MET B 47 31.02 13.92 8.64
C MET B 47 32.02 12.79 8.68
N LYS B 48 32.45 12.31 7.51
CA LYS B 48 33.59 11.36 7.48
C LYS B 48 34.92 12.07 7.67
N PHE B 49 35.94 11.32 8.08
CA PHE B 49 37.17 12.00 8.46
C PHE B 49 37.70 12.88 7.34
N GLU B 50 37.75 12.43 6.08
CA GLU B 50 38.36 13.29 5.07
C GLU B 50 37.58 14.57 4.80
N HIS B 51 36.31 14.59 5.19
CA HIS B 51 35.48 15.77 4.93
C HIS B 51 35.45 16.70 6.14
N LEU B 52 36.02 16.25 7.26
CA LEU B 52 36.07 17.09 8.47
C LEU B 52 37.49 17.57 8.78
N GLN B 53 38.52 16.74 8.54
CA GLN B 53 39.87 17.18 8.87
C GLN B 53 40.78 16.81 7.70
N PRO B 54 40.61 17.47 6.55
CA PRO B 54 41.33 17.02 5.36
C PRO B 54 42.86 17.09 5.43
N GLU B 55 43.38 18.00 6.25
CA GLU B 55 44.79 18.16 6.56
C GLU B 55 44.91 18.32 8.08
N GLU B 56 46.01 17.94 8.70
CA GLU B 56 46.05 18.04 10.18
C GLU B 56 45.85 19.48 10.64
N GLY B 57 44.89 19.71 11.50
CA GLY B 57 44.68 21.06 12.04
C GLY B 57 43.79 21.91 11.17
N LYS B 58 43.39 21.40 10.01
CA LYS B 58 42.44 22.10 9.14
C LYS B 58 41.09 21.40 9.25
N PHE B 59 40.18 22.01 9.99
CA PHE B 59 38.83 21.46 10.12
C PHE B 59 37.88 22.18 9.17
N THR B 60 37.09 21.39 8.41
CA THR B 60 36.17 21.98 7.43
C THR B 60 34.76 21.52 7.79
N PHE B 61 34.19 22.20 8.81
CA PHE B 61 32.84 21.83 9.25
C PHE B 61 31.73 22.43 8.42
N GLN B 62 31.98 23.19 7.35
CA GLN B 62 30.87 23.96 6.75
C GLN B 62 29.72 23.09 6.25
N GLU B 63 30.06 22.01 5.55
CA GLU B 63 28.97 21.19 5.03
C GLU B 63 28.22 20.44 6.12
N ALA B 64 28.95 19.89 7.09
CA ALA B 64 28.33 19.19 8.23
C ALA B 64 27.42 20.16 9.00
N ASP B 65 27.91 21.39 9.19
CA ASP B 65 27.11 22.43 9.87
C ASP B 65 25.76 22.67 9.17
N ARG B 66 25.79 22.74 7.84
CA ARG B 66 24.58 22.95 7.03
C ARG B 66 23.62 21.78 7.24
N ILE B 67 24.18 20.57 7.29
CA ILE B 67 23.24 19.42 7.50
C ILE B 67 22.65 19.45 8.88
N VAL B 68 23.45 19.76 9.89
CA VAL B 68 22.95 19.84 11.27
C VAL B 68 21.95 20.98 11.44
N ASP B 69 22.22 22.13 10.83
CA ASP B 69 21.27 23.23 10.93
C ASP B 69 19.92 22.88 10.31
N PHE B 70 19.95 22.23 9.15
CA PHE B 70 18.69 21.77 8.54
C PHE B 70 17.92 20.88 9.49
N ALA B 71 18.62 19.87 10.03
CA ALA B 71 17.95 18.91 10.91
C ALA B 71 17.36 19.65 12.10
N CYS B 72 18.20 20.49 12.73
CA CYS B 72 17.73 21.11 13.97
C CYS B 72 16.59 22.07 13.67
N SER B 73 16.56 22.68 12.49
CA SER B 73 15.48 23.61 12.16
C SER B 73 14.17 22.86 11.91
N HIS B 74 14.21 21.56 11.73
CA HIS B 74 12.98 20.80 11.44
C HIS B 74 12.76 19.70 12.48
N ARG B 75 13.31 19.84 13.67
CA ARG B 75 13.04 18.86 14.72
C ARG B 75 13.46 17.46 14.34
N MET B 76 14.57 17.35 13.62
CA MET B 76 15.07 16.03 13.22
C MET B 76 16.26 15.67 14.08
N ALA B 77 16.33 14.43 14.52
CA ALA B 77 17.58 14.00 15.17
C ALA B 77 18.68 13.87 14.12
N VAL B 78 19.92 13.73 14.58
CA VAL B 78 21.05 13.49 13.69
C VAL B 78 21.89 12.32 14.21
N ARG B 79 22.20 11.39 13.30
CA ARG B 79 23.16 10.35 13.58
C ARG B 79 24.52 10.80 13.03
N GLY B 80 25.57 10.80 13.84
CA GLY B 80 26.90 11.17 13.37
C GLY B 80 27.57 10.01 12.66
N HIS B 81 28.08 10.22 11.43
CA HIS B 81 28.64 9.11 10.66
C HIS B 81 29.89 9.64 9.96
N THR B 82 31.12 9.20 10.21
CA THR B 82 31.57 8.15 11.12
C THR B 82 32.97 8.54 11.57
N LEU B 83 33.38 8.19 12.78
CA LEU B 83 34.65 8.71 13.31
C LEU B 83 35.86 7.89 12.85
N VAL B 84 35.85 6.57 13.04
CA VAL B 84 37.03 5.71 12.77
C VAL B 84 36.62 4.58 11.82
N TRP B 85 37.13 4.70 10.61
CA TRP B 85 36.84 3.86 9.46
C TRP B 85 38.06 3.65 8.58
N HIS B 86 38.24 2.45 7.99
CA HIS B 86 39.39 2.31 7.10
C HIS B 86 39.25 3.12 5.82
N ASN B 87 38.04 3.42 5.41
CA ASN B 87 37.84 4.25 4.22
C ASN B 87 37.70 5.74 4.55
N GLN B 88 37.88 6.57 3.52
CA GLN B 88 37.65 8.02 3.54
C GLN B 88 38.37 8.64 4.73
N THR B 89 39.57 8.17 5.00
CA THR B 89 40.50 8.75 5.97
C THR B 89 41.77 9.22 5.27
N PRO B 90 42.17 10.48 5.40
CA PRO B 90 43.32 10.93 4.61
C PRO B 90 44.63 10.27 5.01
N ASP B 91 45.57 10.21 4.06
CA ASP B 91 46.85 9.61 4.30
C ASP B 91 47.63 10.27 5.46
N TRP B 92 47.42 11.57 5.66
CA TRP B 92 48.28 12.27 6.64
C TRP B 92 48.18 11.61 8.01
N VAL B 93 46.96 11.08 8.25
CA VAL B 93 46.62 10.56 9.58
C VAL B 93 47.61 9.52 10.07
N PHE B 94 48.10 8.67 9.15
CA PHE B 94 48.94 7.59 9.60
C PHE B 94 50.42 7.85 9.39
N GLN B 95 50.81 9.02 8.89
CA GLN B 95 52.18 9.28 8.50
C GLN B 95 52.89 10.33 9.34
N ASP B 96 54.23 10.20 9.39
CA ASP B 96 55.04 11.25 10.01
C ASP B 96 55.45 12.21 8.90
N GLY B 97 56.32 13.12 9.30
CA GLY B 97 56.79 14.08 8.31
C GLY B 97 57.69 13.44 7.28
N GLN B 98 58.28 12.28 7.56
CA GLN B 98 59.17 11.74 6.51
C GLN B 98 58.44 10.67 5.72
N GLY B 99 57.13 10.60 5.88
CA GLY B 99 56.34 9.61 5.16
C GLY B 99 56.29 8.22 5.76
N HIS B 100 57.04 7.92 6.82
CA HIS B 100 56.90 6.67 7.54
C HIS B 100 55.62 6.60 8.38
N PHE B 101 55.15 5.40 8.75
CA PHE B 101 54.02 5.27 9.65
C PHE B 101 54.32 5.79 11.06
N VAL B 102 53.34 6.49 11.64
CA VAL B 102 53.53 6.96 13.01
C VAL B 102 53.41 5.80 13.99
N SER B 103 53.82 6.05 15.21
CA SER B 103 53.67 5.14 16.32
C SER B 103 52.24 5.00 16.82
N ARG B 104 52.02 3.96 17.61
CA ARG B 104 50.75 3.78 18.31
C ARG B 104 50.34 5.02 19.08
N ASP B 105 51.24 5.54 19.92
CA ASP B 105 50.90 6.71 20.70
C ASP B 105 50.60 7.95 19.88
N VAL B 106 51.36 8.22 18.82
CA VAL B 106 50.99 9.38 17.99
C VAL B 106 49.65 9.19 17.29
N LEU B 107 49.36 7.98 16.79
CA LEU B 107 48.06 7.77 16.16
C LEU B 107 46.95 7.91 17.21
N LEU B 108 47.11 7.43 18.42
CA LEU B 108 46.05 7.62 19.44
C LEU B 108 45.85 9.10 19.72
N GLU B 109 46.95 9.86 19.79
CA GLU B 109 46.75 11.31 19.99
C GLU B 109 45.91 11.93 18.88
N ARG B 110 46.18 11.54 17.63
CA ARG B 110 45.49 12.11 16.49
C ARG B 110 44.04 11.67 16.52
N MET B 111 43.82 10.40 16.86
CA MET B 111 42.44 9.86 16.94
C MET B 111 41.66 10.61 18.00
N LYS B 112 42.27 10.78 19.19
CA LYS B 112 41.60 11.53 20.25
C LYS B 112 41.31 12.97 19.87
N CYS B 113 42.28 13.64 19.23
CA CYS B 113 42.08 15.04 18.87
C CYS B 113 40.93 15.21 17.89
N HIS B 114 40.91 14.37 16.84
CA HIS B 114 39.83 14.43 15.89
C HIS B 114 38.48 14.18 16.57
N ILE B 115 38.36 13.06 17.31
CA ILE B 115 37.09 12.70 17.92
C ILE B 115 36.63 13.80 18.86
N SER B 116 37.57 14.30 19.70
CA SER B 116 37.16 15.36 20.64
C SER B 116 36.66 16.61 19.94
N THR B 117 37.41 17.03 18.91
CA THR B 117 37.01 18.30 18.27
C THR B 117 35.66 18.16 17.55
N VAL B 118 35.50 17.02 16.86
CA VAL B 118 34.27 16.79 16.08
C VAL B 118 33.09 16.55 17.00
N VAL B 119 33.22 15.61 17.94
CA VAL B 119 32.09 15.33 18.83
C VAL B 119 31.73 16.54 19.69
N ARG B 120 32.72 17.25 20.22
CA ARG B 120 32.35 18.41 21.06
C ARG B 120 31.59 19.46 20.26
N ARG B 121 31.95 19.62 18.98
CA ARG B 121 31.26 20.68 18.24
C ARG B 121 29.73 20.49 18.19
N TYR B 122 29.32 19.21 18.04
CA TYR B 122 27.92 18.90 17.80
C TYR B 122 27.20 18.37 19.03
N LYS B 123 27.88 18.39 20.19
CA LYS B 123 27.31 17.92 21.44
C LYS B 123 25.99 18.64 21.65
N GLY B 124 24.93 17.95 22.04
CA GLY B 124 23.64 18.63 22.25
C GLY B 124 22.83 18.65 20.97
N LYS B 125 23.43 18.36 19.81
CA LYS B 125 22.64 18.34 18.58
C LYS B 125 22.62 16.99 17.90
N ILE B 126 23.74 16.24 18.06
CA ILE B 126 23.84 14.90 17.52
C ILE B 126 23.73 13.91 18.65
N TYR B 127 22.74 13.02 18.54
CA TYR B 127 22.51 12.16 19.71
C TYR B 127 23.24 10.85 19.68
N CYS B 128 23.75 10.45 18.53
CA CYS B 128 24.50 9.19 18.50
C CYS B 128 25.60 9.26 17.45
N TRP B 129 26.61 8.39 17.56
CA TRP B 129 27.73 8.36 16.64
C TRP B 129 28.08 6.92 16.24
N ASP B 130 28.28 6.74 14.93
CA ASP B 130 28.96 5.53 14.43
C ASP B 130 30.44 5.75 14.70
N VAL B 131 30.93 5.20 15.82
CA VAL B 131 32.29 5.45 16.29
C VAL B 131 33.27 4.63 15.47
N ILE B 132 32.95 3.33 15.34
CA ILE B 132 33.75 2.43 14.52
C ILE B 132 32.87 1.89 13.40
N ASN B 133 33.38 1.96 12.20
CA ASN B 133 32.65 1.47 11.01
C ASN B 133 33.36 0.29 10.38
N GLU B 134 32.68 -0.82 10.16
CA GLU B 134 33.13 -1.89 9.28
C GLU B 134 34.49 -2.48 9.63
N ALA B 135 34.71 -2.75 10.91
CA ALA B 135 36.00 -3.33 11.31
C ALA B 135 36.10 -4.84 11.09
N VAL B 136 34.99 -5.55 10.98
CA VAL B 136 35.01 -7.02 10.85
C VAL B 136 35.27 -7.47 9.42
N ALA B 137 36.03 -8.55 9.20
CA ALA B 137 36.39 -9.01 7.88
C ALA B 137 35.24 -9.62 7.07
N ASP B 138 35.33 -9.57 5.75
CA ASP B 138 34.50 -10.26 4.79
C ASP B 138 34.33 -11.78 4.87
N GLU B 139 35.54 -12.31 4.77
CA GLU B 139 35.67 -13.77 4.60
C GLU B 139 36.80 -14.22 5.53
N GLY B 140 37.20 -15.48 5.43
CA GLY B 140 38.25 -16.01 6.27
C GLY B 140 37.79 -16.17 7.71
N ASP B 141 38.68 -16.73 8.51
CA ASP B 141 38.45 -16.98 9.93
C ASP B 141 38.93 -15.86 10.83
N GLU B 142 39.71 -14.94 10.24
CA GLU B 142 40.15 -13.79 11.04
C GLU B 142 38.93 -12.93 11.34
N LEU B 143 38.81 -12.45 12.57
CA LEU B 143 37.66 -11.66 12.98
C LEU B 143 37.67 -10.26 12.34
N LEU B 144 38.82 -9.61 12.43
CA LEU B 144 38.97 -8.23 11.98
C LEU B 144 39.69 -8.11 10.63
N ARG B 145 39.23 -7.13 9.83
CA ARG B 145 39.97 -6.82 8.59
C ARG B 145 41.27 -6.08 8.89
N PRO B 146 42.29 -6.21 8.07
CA PRO B 146 43.48 -5.37 8.29
C PRO B 146 43.12 -3.92 8.00
N SER B 147 43.79 -3.01 8.69
CA SER B 147 43.66 -1.60 8.40
C SER B 147 44.82 -0.84 9.02
N LYS B 148 45.02 0.40 8.54
CA LYS B 148 46.15 1.16 9.09
C LYS B 148 45.88 1.46 10.56
N TRP B 149 44.61 1.67 10.89
CA TRP B 149 44.29 1.97 12.28
C TRP B 149 44.76 0.81 13.17
N ARG B 150 44.36 -0.38 12.74
CA ARG B 150 44.62 -1.60 13.51
C ARG B 150 46.09 -1.92 13.48
N GLN B 151 46.76 -1.77 12.34
CA GLN B 151 48.19 -2.07 12.18
C GLN B 151 49.06 -1.26 13.12
N ILE B 152 48.78 0.04 13.17
CA ILE B 152 49.64 0.92 13.98
C ILE B 152 49.35 0.89 15.47
N ILE B 153 48.05 0.86 15.82
CA ILE B 153 47.69 0.89 17.22
C ILE B 153 47.68 -0.48 17.90
N GLY B 154 47.14 -1.48 17.27
CA GLY B 154 46.89 -2.80 17.77
C GLY B 154 45.39 -3.06 17.86
N ASP B 155 45.04 -4.27 18.31
CA ASP B 155 43.60 -4.59 18.21
C ASP B 155 42.79 -3.77 19.20
N ASP B 156 43.40 -3.04 20.13
CA ASP B 156 42.55 -2.27 21.04
C ASP B 156 42.19 -0.93 20.43
N PHE B 157 42.42 -0.74 19.12
CA PHE B 157 42.08 0.57 18.56
C PHE B 157 40.60 0.90 18.71
N MET B 158 39.73 -0.08 18.66
CA MET B 158 38.29 0.18 18.80
C MET B 158 37.96 0.58 20.23
N GLU B 159 38.51 -0.14 21.22
CA GLU B 159 38.31 0.22 22.61
C GLU B 159 38.66 1.69 22.82
N GLN B 160 39.80 2.09 22.29
CA GLN B 160 40.23 3.50 22.49
C GLN B 160 39.30 4.51 21.83
N ALA B 161 38.85 4.17 20.61
CA ALA B 161 37.94 5.09 19.90
C ALA B 161 36.66 5.32 20.69
N PHE B 162 36.09 4.23 21.22
CA PHE B 162 34.87 4.35 22.04
C PHE B 162 35.12 5.14 23.32
N LEU B 163 36.26 4.87 24.00
CA LEU B 163 36.53 5.70 25.19
C LEU B 163 36.74 7.16 24.83
N TYR B 164 37.35 7.49 23.70
CA TYR B 164 37.56 8.90 23.38
C TYR B 164 36.23 9.54 23.05
N ALA B 165 35.36 8.84 22.32
CA ALA B 165 34.07 9.42 21.98
C ALA B 165 33.21 9.63 23.22
N TYR B 166 33.19 8.69 24.15
CA TYR B 166 32.47 8.79 25.42
C TYR B 166 32.96 9.99 26.21
N GLU B 167 34.29 10.15 26.29
CA GLU B 167 34.84 11.27 27.05
C GLU B 167 34.37 12.60 26.44
N ALA B 168 34.32 12.67 25.13
CA ALA B 168 33.91 13.90 24.44
C ALA B 168 32.42 14.14 24.64
N ASP B 169 31.55 13.13 24.70
CA ASP B 169 30.13 13.35 24.99
C ASP B 169 29.54 12.14 25.69
N PRO B 170 29.58 12.14 27.01
CA PRO B 170 29.05 11.00 27.78
C PRO B 170 27.55 10.76 27.64
N ASP B 171 26.85 11.67 26.99
CA ASP B 171 25.42 11.51 26.80
C ASP B 171 25.09 10.92 25.44
N ALA B 172 26.04 10.78 24.54
CA ALA B 172 25.78 10.21 23.21
C ALA B 172 25.65 8.69 23.26
N LEU B 173 24.81 8.17 22.35
CA LEU B 173 24.78 6.74 22.11
C LEU B 173 25.87 6.37 21.08
N LEU B 174 26.78 5.46 21.41
CA LEU B 174 27.95 5.11 20.59
C LEU B 174 27.77 3.74 19.94
N PHE B 175 27.89 3.72 18.61
CA PHE B 175 27.60 2.55 17.80
C PHE B 175 28.82 1.90 17.12
N TYR B 176 28.75 0.60 17.01
CA TYR B 176 29.56 -0.20 16.07
C TYR B 176 28.68 -0.35 14.82
N ASN B 177 29.01 0.03 13.60
CA ASN B 177 28.16 -0.02 12.41
C ASN B 177 28.74 -0.95 11.37
N ASP B 178 27.93 -1.81 10.70
CA ASP B 178 28.53 -2.72 9.71
C ASP B 178 27.46 -3.21 8.73
N TYR B 179 27.94 -3.68 7.59
CA TYR B 179 27.10 -4.26 6.54
C TYR B 179 27.23 -5.78 6.48
N ASN B 180 26.39 -6.43 5.69
CA ASN B 180 26.30 -7.88 5.61
C ASN B 180 26.13 -8.49 7.00
N GLU B 181 25.43 -7.75 7.85
CA GLU B 181 25.22 -7.96 9.28
C GLU B 181 24.28 -9.13 9.58
N CYS B 182 23.61 -9.64 8.54
CA CYS B 182 22.74 -10.79 8.77
C CYS B 182 23.25 -12.09 8.15
N PHE B 183 24.38 -12.05 7.46
CA PHE B 183 24.99 -13.30 7.04
C PHE B 183 25.54 -14.00 8.28
N PRO B 184 25.14 -15.25 8.53
CA PRO B 184 25.49 -15.94 9.76
C PRO B 184 26.96 -15.87 10.17
N GLU B 185 27.91 -16.11 9.26
CA GLU B 185 29.32 -16.06 9.64
C GLU B 185 29.71 -14.67 10.11
N LYS B 186 29.35 -13.66 9.32
CA LYS B 186 29.70 -12.30 9.67
C LYS B 186 28.92 -11.89 10.90
N ARG B 187 27.67 -12.32 11.00
CA ARG B 187 26.86 -12.00 12.18
C ARG B 187 27.57 -12.51 13.43
N GLU B 188 28.12 -13.73 13.35
CA GLU B 188 28.69 -14.23 14.61
C GLU B 188 29.95 -13.47 14.99
N LYS B 189 30.71 -12.99 14.01
CA LYS B 189 31.88 -12.16 14.36
C LYS B 189 31.49 -10.83 14.97
N ILE B 190 30.41 -10.22 14.48
CA ILE B 190 30.00 -8.89 14.94
C ILE B 190 29.54 -9.07 16.38
N PHE B 191 28.77 -10.14 16.57
CA PHE B 191 28.32 -10.50 17.90
C PHE B 191 29.52 -10.68 18.84
N ALA B 192 30.51 -11.45 18.41
CA ALA B 192 31.61 -11.71 19.33
C ALA B 192 32.35 -10.43 19.61
N LEU B 193 32.48 -9.60 18.59
CA LEU B 193 33.23 -8.36 18.82
C LEU B 193 32.57 -7.45 19.83
N VAL B 194 31.26 -7.24 19.65
CA VAL B 194 30.60 -6.29 20.55
C VAL B 194 30.45 -6.85 21.96
N LYS B 195 30.24 -8.17 22.03
CA LYS B 195 30.11 -8.80 23.34
C LYS B 195 31.42 -8.62 24.11
N SER B 196 32.54 -8.85 23.44
CA SER B 196 33.86 -8.65 24.02
C SER B 196 34.06 -7.23 24.53
N LEU B 197 33.72 -6.22 23.72
CA LEU B 197 33.87 -4.87 24.20
C LEU B 197 32.99 -4.55 25.41
N ARG B 198 31.72 -4.97 25.31
CA ARG B 198 30.75 -4.74 26.36
C ARG B 198 31.18 -5.33 27.69
N ASP B 199 31.62 -6.58 27.66
CA ASP B 199 31.99 -7.24 28.91
C ASP B 199 33.25 -6.60 29.48
N LYS B 200 34.04 -5.90 28.67
CA LYS B 200 35.24 -5.20 29.12
C LYS B 200 34.86 -3.87 29.74
N GLY B 201 33.57 -3.54 29.71
CA GLY B 201 33.15 -2.25 30.21
C GLY B 201 33.34 -1.14 29.21
N ILE B 202 33.60 -1.39 27.93
CA ILE B 202 33.77 -0.27 27.01
C ILE B 202 32.41 0.38 26.74
N PRO B 203 32.32 1.71 26.70
CA PRO B 203 31.06 2.37 26.42
C PRO B 203 30.65 2.28 24.96
N ILE B 204 30.23 1.09 24.55
CA ILE B 204 29.56 0.85 23.29
C ILE B 204 28.09 0.55 23.57
N HIS B 205 27.13 1.29 23.01
CA HIS B 205 25.75 1.24 23.42
C HIS B 205 24.80 0.64 22.36
N GLY B 206 25.29 0.59 21.13
CA GLY B 206 24.43 0.32 19.99
C GLY B 206 25.10 -0.49 18.89
N ILE B 207 24.29 -1.26 18.14
CA ILE B 207 24.83 -1.88 16.94
C ILE B 207 24.03 -1.26 15.78
N GLY B 208 24.73 -0.82 14.75
CA GLY B 208 24.19 -0.26 13.51
C GLY B 208 24.19 -1.35 12.47
N MET B 209 22.99 -1.77 12.07
CA MET B 209 22.82 -2.74 10.99
C MET B 209 22.64 -1.99 9.68
N GLN B 210 23.64 -1.95 8.78
CA GLN B 210 23.50 -1.07 7.62
C GLN B 210 22.33 -1.45 6.73
N ALA B 211 22.05 -2.73 6.55
CA ALA B 211 20.90 -3.18 5.75
C ALA B 211 20.98 -2.71 4.31
N HIS B 212 22.15 -2.88 3.69
CA HIS B 212 22.33 -2.72 2.25
C HIS B 212 21.94 -4.07 1.66
N TRP B 213 20.66 -4.20 1.37
CA TRP B 213 20.11 -5.50 1.02
C TRP B 213 19.67 -5.60 -0.43
N SER B 214 19.39 -6.84 -0.83
CA SER B 214 18.87 -7.11 -2.17
C SER B 214 17.42 -7.59 -2.06
N LEU B 215 16.82 -7.97 -3.20
CA LEU B 215 15.43 -8.45 -3.20
C LEU B 215 15.30 -9.76 -2.46
N THR B 216 16.39 -10.54 -2.42
CA THR B 216 16.24 -11.83 -1.75
C THR B 216 17.24 -12.06 -0.64
N ARG B 217 18.32 -11.27 -0.46
CA ARG B 217 19.32 -11.62 0.54
C ARG B 217 19.52 -10.42 1.46
N PRO B 218 19.62 -10.59 2.75
CA PRO B 218 19.47 -11.83 3.49
C PRO B 218 18.02 -12.22 3.51
N SER B 219 17.78 -13.45 3.92
CA SER B 219 16.44 -13.97 4.07
C SER B 219 15.77 -13.36 5.29
N LEU B 220 14.43 -13.40 5.32
CA LEU B 220 13.74 -12.95 6.52
C LEU B 220 14.17 -13.74 7.75
N ASP B 221 14.38 -15.06 7.59
CA ASP B 221 14.84 -15.80 8.77
C ASP B 221 16.23 -15.32 9.19
N GLU B 222 17.13 -15.02 8.24
CA GLU B 222 18.42 -14.46 8.59
C GLU B 222 18.29 -13.10 9.28
N ILE B 223 17.39 -12.25 8.82
CA ILE B 223 17.22 -10.94 9.45
C ILE B 223 16.68 -11.09 10.87
N ARG B 224 15.68 -11.94 11.09
CA ARG B 224 15.19 -12.20 12.43
C ARG B 224 16.25 -12.77 13.36
N ALA B 225 17.04 -13.76 12.91
CA ALA B 225 18.08 -14.31 13.79
C ALA B 225 19.11 -13.27 14.26
N ALA B 226 19.52 -12.43 13.30
CA ALA B 226 20.51 -11.39 13.55
C ALA B 226 19.91 -10.36 14.51
N ILE B 227 18.66 -9.95 14.27
CA ILE B 227 18.06 -9.01 15.23
C ILE B 227 18.07 -9.64 16.62
N GLU B 228 17.66 -10.91 16.71
CA GLU B 228 17.63 -11.58 18.00
C GLU B 228 19.01 -11.67 18.64
N ARG B 229 19.99 -12.07 17.85
CA ARG B 229 21.34 -12.29 18.34
C ARG B 229 21.95 -11.00 18.88
N TYR B 230 21.82 -9.91 18.14
CA TYR B 230 22.38 -8.63 18.56
C TYR B 230 21.63 -8.07 19.75
N ALA B 231 20.29 -8.17 19.68
CA ALA B 231 19.49 -7.68 20.80
C ALA B 231 19.82 -8.41 22.10
N SER B 232 20.26 -9.67 22.03
CA SER B 232 20.53 -10.40 23.27
C SER B 232 21.74 -9.79 23.96
N LEU B 233 22.51 -8.92 23.28
CA LEU B 233 23.58 -8.22 23.97
C LEU B 233 23.06 -7.11 24.86
N GLY B 234 21.83 -6.67 24.69
CA GLY B 234 21.39 -5.57 25.55
C GLY B 234 21.62 -4.21 24.88
N VAL B 235 22.14 -4.17 23.66
CA VAL B 235 22.40 -2.92 22.98
C VAL B 235 21.15 -2.38 22.28
N VAL B 236 21.20 -1.08 22.00
CA VAL B 236 20.27 -0.45 21.09
C VAL B 236 20.55 -0.93 19.66
N LEU B 237 19.50 -1.13 18.88
CA LEU B 237 19.66 -1.43 17.46
C LEU B 237 19.14 -0.29 16.58
N HIS B 238 19.97 0.12 15.63
CA HIS B 238 19.51 1.04 14.60
C HIS B 238 19.69 0.33 13.27
N ILE B 239 18.72 0.41 12.39
CA ILE B 239 18.91 0.09 10.97
C ILE B 239 19.44 1.38 10.35
N THR B 240 20.68 1.37 9.86
CA THR B 240 21.32 2.67 9.61
C THR B 240 21.37 3.09 8.17
N GLU B 241 21.34 2.20 7.17
CA GLU B 241 21.67 2.63 5.80
C GLU B 241 20.75 1.84 4.84
N LEU B 242 19.49 1.64 5.16
CA LEU B 242 18.66 0.69 4.44
C LEU B 242 18.50 1.06 2.99
N ASP B 243 18.67 0.03 2.13
CA ASP B 243 18.20 0.21 0.74
C ASP B 243 17.94 -1.19 0.17
N VAL B 244 17.10 -1.30 -0.87
CA VAL B 244 16.78 -2.62 -1.44
C VAL B 244 17.13 -2.54 -2.93
N SER B 245 18.33 -3.03 -3.26
CA SER B 245 18.81 -2.98 -4.60
C SER B 245 17.95 -3.81 -5.58
N MET B 246 17.74 -3.31 -6.78
CA MET B 246 17.03 -4.07 -7.79
C MET B 246 17.94 -5.17 -8.38
N PHE B 247 19.19 -5.21 -7.96
CA PHE B 247 20.15 -6.23 -8.41
C PHE B 247 20.80 -7.00 -7.26
N GLU B 248 20.92 -8.32 -7.47
CA GLU B 248 21.69 -9.14 -6.52
C GLU B 248 23.16 -8.73 -6.64
N PHE B 249 24.00 -8.89 -5.60
CA PHE B 249 25.27 -8.18 -5.52
C PHE B 249 26.16 -8.59 -6.69
N HIS B 250 26.16 -9.89 -6.97
CA HIS B 250 27.00 -10.39 -8.07
C HIS B 250 26.41 -10.08 -9.44
N ASP B 251 25.19 -9.56 -9.51
CA ASP B 251 24.59 -9.25 -10.84
C ASP B 251 25.12 -7.93 -11.31
N ARG B 252 26.02 -7.90 -12.27
CA ARG B 252 26.64 -6.64 -12.70
C ARG B 252 26.05 -6.16 -14.04
N ARG B 253 24.83 -6.61 -14.29
CA ARG B 253 24.21 -6.33 -15.61
C ARG B 253 23.92 -4.87 -15.83
N THR B 254 23.93 -4.33 -17.04
CA THR B 254 23.91 -2.87 -17.18
C THR B 254 22.93 -2.44 -18.24
N ASP B 255 22.09 -3.43 -18.56
CA ASP B 255 21.20 -3.25 -19.71
C ASP B 255 19.86 -2.60 -19.37
N LEU B 256 19.57 -2.37 -18.10
CA LEU B 256 18.21 -1.93 -17.79
C LEU B 256 18.11 -0.43 -17.65
N ALA B 257 17.26 0.24 -18.43
CA ALA B 257 17.08 1.68 -18.27
C ALA B 257 15.91 2.04 -17.37
N ALA B 258 15.13 1.05 -16.96
CA ALA B 258 14.02 1.30 -16.04
C ALA B 258 13.77 -0.01 -15.32
N PRO B 259 13.23 0.14 -14.12
CA PRO B 259 12.90 -1.08 -13.41
C PRO B 259 11.79 -1.82 -14.15
N THR B 260 11.87 -3.15 -14.10
CA THR B 260 10.80 -3.92 -14.73
C THR B 260 9.60 -3.99 -13.74
N SER B 261 8.45 -4.40 -14.30
CA SER B 261 7.30 -4.58 -13.42
C SER B 261 7.59 -5.62 -12.35
N GLU B 262 8.30 -6.69 -12.68
CA GLU B 262 8.62 -7.71 -11.69
C GLU B 262 9.52 -7.17 -10.55
N MET B 263 10.48 -6.35 -10.94
CA MET B 263 11.36 -5.66 -9.98
C MET B 263 10.55 -4.81 -9.00
N ILE B 264 9.73 -3.95 -9.62
CA ILE B 264 8.90 -3.07 -8.79
C ILE B 264 8.01 -3.89 -7.87
N GLU B 265 7.34 -4.92 -8.36
CA GLU B 265 6.45 -5.71 -7.51
C GLU B 265 7.20 -6.54 -6.47
N ARG B 266 8.35 -7.16 -6.86
CA ARG B 266 9.05 -7.88 -5.83
C ARG B 266 9.62 -6.95 -4.76
N GLN B 267 10.10 -5.79 -5.16
CA GLN B 267 10.64 -4.88 -4.16
C GLN B 267 9.54 -4.46 -3.19
N ALA B 268 8.34 -4.28 -3.73
CA ALA B 268 7.22 -3.89 -2.83
C ALA B 268 6.97 -4.96 -1.77
N GLU B 269 6.88 -6.21 -2.23
CA GLU B 269 6.68 -7.30 -1.28
C GLU B 269 7.82 -7.35 -0.28
N ARG B 270 9.06 -7.21 -0.76
CA ARG B 270 10.23 -7.22 0.12
C ARG B 270 10.20 -6.14 1.21
N TYR B 271 9.88 -4.92 0.79
CA TYR B 271 9.81 -3.80 1.76
C TYR B 271 8.65 -3.99 2.73
N GLY B 272 7.55 -4.57 2.24
CA GLY B 272 6.48 -4.85 3.19
C GLY B 272 6.93 -5.94 4.18
N GLN B 273 7.61 -6.99 3.73
CA GLN B 273 8.07 -8.01 4.66
C GLN B 273 9.06 -7.49 5.68
N ILE B 274 9.95 -6.60 5.21
CA ILE B 274 10.98 -6.05 6.08
C ILE B 274 10.41 -5.16 7.18
N PHE B 275 9.49 -4.27 6.83
CA PHE B 275 8.91 -3.35 7.80
C PHE B 275 8.00 -4.08 8.78
N ALA B 276 7.37 -5.19 8.31
CA ALA B 276 6.54 -5.96 9.25
C ALA B 276 7.43 -6.60 10.32
N LEU B 277 8.60 -7.02 9.82
CA LEU B 277 9.53 -7.64 10.78
C LEU B 277 10.12 -6.59 11.75
N PHE B 278 10.48 -5.41 11.21
CA PHE B 278 11.01 -4.33 12.05
C PHE B 278 9.97 -3.99 13.11
N LYS B 279 8.71 -3.86 12.67
CA LYS B 279 7.63 -3.51 13.60
C LYS B 279 7.53 -4.60 14.67
N GLU B 280 7.68 -5.84 14.22
CA GLU B 280 7.54 -6.92 15.20
C GLU B 280 8.60 -6.76 16.30
N TYR B 281 9.76 -6.26 15.91
CA TYR B 281 10.90 -6.11 16.81
C TYR B 281 11.05 -4.67 17.27
N ARG B 282 9.92 -3.94 17.28
CA ARG B 282 9.95 -2.54 17.72
C ARG B 282 10.55 -2.37 19.11
N ASP B 283 10.45 -3.41 19.96
CA ASP B 283 10.97 -3.26 21.30
C ASP B 283 12.49 -3.08 21.33
N VAL B 284 13.15 -3.58 20.29
CA VAL B 284 14.62 -3.57 20.29
C VAL B 284 15.16 -2.69 19.19
N ILE B 285 14.38 -2.21 18.24
CA ILE B 285 14.85 -1.34 17.16
C ILE B 285 14.38 0.07 17.41
N GLN B 286 15.27 1.07 17.47
CA GLN B 286 14.77 2.39 17.84
C GLN B 286 14.84 3.40 16.69
N SER B 287 15.47 3.08 15.56
CA SER B 287 15.56 3.96 14.41
C SER B 287 15.82 3.17 13.14
N VAL B 288 15.19 3.60 12.06
CA VAL B 288 15.38 3.00 10.74
C VAL B 288 15.70 4.13 9.77
N THR B 289 16.95 4.15 9.33
CA THR B 289 17.40 5.14 8.37
C THR B 289 17.64 4.49 7.01
N PHE B 290 17.12 5.13 5.97
CA PHE B 290 17.41 4.73 4.60
C PHE B 290 18.62 5.47 4.08
N TRP B 291 19.37 4.81 3.17
CA TRP B 291 20.55 5.48 2.64
C TRP B 291 20.17 6.37 1.46
N GLY B 292 19.33 7.34 1.77
CA GLY B 292 18.71 8.23 0.80
C GLY B 292 17.23 8.39 1.10
N ILE B 293 16.44 8.93 0.17
CA ILE B 293 14.98 8.95 0.37
C ILE B 293 14.30 8.71 -0.96
N ALA B 294 14.87 9.12 -2.09
CA ALA B 294 14.13 8.87 -3.35
C ALA B 294 15.14 8.47 -4.43
N ASP B 295 14.62 7.79 -5.46
CA ASP B 295 15.52 7.19 -6.43
C ASP B 295 16.23 8.19 -7.34
N ASP B 296 15.97 9.49 -7.21
CA ASP B 296 16.83 10.44 -7.94
C ASP B 296 18.21 10.61 -7.32
N HIS B 297 18.46 10.02 -6.15
CA HIS B 297 19.82 10.04 -5.60
C HIS B 297 20.08 8.77 -4.81
N THR B 298 21.07 8.00 -5.26
CA THR B 298 21.44 6.80 -4.49
C THR B 298 22.85 6.41 -4.84
N TRP B 299 23.64 6.04 -3.84
CA TRP B 299 25.00 5.53 -4.08
C TRP B 299 25.01 4.28 -4.95
N LEU B 300 23.87 3.56 -4.99
CA LEU B 300 23.84 2.34 -5.81
C LEU B 300 23.78 2.64 -7.30
N ASP B 301 23.63 3.90 -7.71
CA ASP B 301 23.75 4.27 -9.11
C ASP B 301 25.18 4.17 -9.64
N ASN B 302 26.17 4.10 -8.73
CA ASN B 302 27.53 3.94 -9.21
C ASN B 302 28.29 2.80 -8.52
N PHE B 303 27.65 2.09 -7.60
CA PHE B 303 28.26 0.90 -7.01
C PHE B 303 27.28 -0.25 -7.08
N PRO B 304 27.68 -1.46 -7.39
CA PRO B 304 29.04 -1.78 -7.82
C PRO B 304 29.31 -1.52 -9.31
N VAL B 305 28.35 -0.96 -10.01
CA VAL B 305 28.48 -0.67 -11.44
C VAL B 305 28.38 0.82 -11.74
N HIS B 306 29.54 1.36 -12.13
CA HIS B 306 29.63 2.79 -12.34
C HIS B 306 28.67 3.18 -13.45
N GLY B 307 27.91 4.22 -13.16
CA GLY B 307 26.92 4.77 -14.04
C GLY B 307 25.82 3.80 -14.44
N ARG B 308 25.40 2.84 -13.61
CA ARG B 308 24.26 1.95 -13.86
C ARG B 308 23.09 2.33 -12.93
N LYS B 309 21.95 2.76 -13.44
CA LYS B 309 20.90 3.27 -12.56
C LYS B 309 20.25 2.16 -11.74
N ASN B 310 19.92 2.51 -10.51
CA ASN B 310 19.22 1.61 -9.58
C ASN B 310 18.02 2.33 -9.00
N TRP B 311 17.10 1.62 -8.37
CA TRP B 311 15.81 2.19 -7.94
C TRP B 311 15.51 1.65 -6.55
N PRO B 312 16.30 1.95 -5.53
CA PRO B 312 16.29 1.18 -4.28
C PRO B 312 15.42 1.64 -3.13
N LEU B 313 14.73 2.76 -3.33
CA LEU B 313 14.07 3.43 -2.18
C LEU B 313 12.56 3.49 -2.29
N LEU B 314 11.90 4.18 -1.37
CA LEU B 314 10.43 4.14 -1.34
C LEU B 314 9.74 5.11 -2.28
N PHE B 315 10.42 6.15 -2.72
CA PHE B 315 9.91 7.15 -3.66
C PHE B 315 10.70 7.19 -4.94
N ASP B 316 10.02 7.50 -6.04
CA ASP B 316 10.67 7.41 -7.37
C ASP B 316 11.41 8.70 -7.71
N GLU B 317 11.97 8.77 -8.93
CA GLU B 317 12.80 9.93 -9.28
C GLU B 317 11.97 11.21 -9.31
N GLN B 318 10.65 11.07 -9.44
CA GLN B 318 9.75 12.22 -9.42
C GLN B 318 9.23 12.49 -8.01
N HIS B 319 9.78 11.83 -7.00
CA HIS B 319 9.38 11.98 -5.60
C HIS B 319 7.96 11.46 -5.35
N LYS B 320 7.47 10.57 -6.20
CA LYS B 320 6.16 9.93 -5.99
C LYS B 320 6.29 8.62 -5.23
N PRO B 321 5.30 8.24 -4.42
CA PRO B 321 5.44 6.95 -3.71
C PRO B 321 5.37 5.79 -4.69
N LYS B 322 6.29 4.85 -4.47
CA LYS B 322 6.29 3.59 -5.25
C LYS B 322 5.43 2.55 -4.58
N PRO B 323 5.13 1.46 -5.25
CA PRO B 323 4.47 0.33 -4.57
C PRO B 323 5.16 -0.02 -3.25
N ALA B 324 6.49 0.07 -3.20
CA ALA B 324 7.18 -0.20 -1.95
C ALA B 324 6.75 0.68 -0.76
N PHE B 325 6.45 1.95 -1.02
CA PHE B 325 6.01 2.90 0.00
C PHE B 325 4.73 2.33 0.60
N TRP B 326 3.79 2.03 -0.30
CA TRP B 326 2.46 1.59 0.17
C TRP B 326 2.53 0.27 0.93
N ARG B 327 3.36 -0.67 0.46
CA ARG B 327 3.44 -1.88 1.26
C ARG B 327 4.15 -1.65 2.60
N ALA B 328 5.18 -0.80 2.62
CA ALA B 328 5.83 -0.53 3.90
C ALA B 328 4.88 0.06 4.91
N VAL B 329 4.07 1.05 4.46
CA VAL B 329 3.23 1.69 5.46
C VAL B 329 2.00 0.85 5.79
N SER B 330 1.78 -0.25 5.10
CA SER B 330 0.60 -1.10 5.26
C SER B 330 0.70 -1.98 6.50
N VAL B 331 1.89 -2.08 7.05
CA VAL B 331 2.12 -3.11 8.07
C VAL B 331 1.50 -2.75 9.39
NA NA C . -17.37 -6.96 6.98
C1 GOL D . -21.61 14.99 4.94
O1 GOL D . -21.58 16.31 5.52
C2 GOL D . -23.02 14.72 4.32
O2 GOL D . -23.38 15.79 3.46
C3 GOL D . -24.11 14.53 5.40
O3 GOL D . -25.42 14.80 4.91
C1 GOL E . -15.97 -11.83 6.08
O1 GOL E . -15.35 -10.82 6.85
C2 GOL E . -16.21 -11.41 4.61
O2 GOL E . -17.63 -11.25 4.39
C3 GOL E . -15.67 -12.51 3.64
O3 GOL E . -14.27 -12.52 3.43
C1 GOL F . -28.67 -19.33 -1.14
O1 GOL F . -29.69 -20.27 -1.12
C2 GOL F . -27.36 -19.82 -0.51
O2 GOL F . -26.46 -20.64 -1.22
C3 GOL F . -27.46 -20.06 1.01
O3 GOL F . -26.69 -19.07 1.66
C1 GOL G . -33.99 -16.08 7.95
O1 GOL G . -33.46 -17.12 7.15
C2 GOL G . -35.48 -15.84 7.54
O2 GOL G . -36.06 -14.61 7.96
C3 GOL G . -36.32 -16.99 8.08
O3 GOL G . -35.67 -17.81 8.97
C1 GOL H . -1.27 -14.21 -7.68
O1 GOL H . -2.26 -14.85 -6.89
C2 GOL H . -1.39 -12.66 -7.70
O2 GOL H . -2.22 -12.11 -6.69
C3 GOL H . -1.87 -12.15 -9.08
O3 GOL H . -0.84 -11.52 -9.81
C1 GOL I . -43.01 1.44 0.88
O1 GOL I . -42.80 0.62 2.03
C2 GOL I . -44.42 1.12 0.28
O2 GOL I . -44.47 -0.25 -0.11
C3 GOL I . -44.81 2.05 -0.89
O3 GOL I . -43.77 2.97 -1.17
C1 GOL J . -27.54 1.41 -14.39
O1 GOL J . -28.03 2.72 -14.07
C2 GOL J . -26.98 0.78 -13.07
O2 GOL J . -27.13 1.83 -12.14
C3 GOL J . -25.51 0.34 -13.22
O3 GOL J . -25.32 -0.85 -13.96
C1 GOL K . -24.63 -26.00 -15.35
O1 GOL K . -23.88 -26.81 -16.27
C2 GOL K . -25.99 -25.73 -16.08
O2 GOL K . -27.05 -26.51 -15.52
C3 GOL K . -25.75 -26.12 -17.58
O3 GOL K . -24.62 -25.40 -18.06
C1 GOL L . -49.92 -22.36 -18.53
O1 GOL L . -50.73 -21.39 -19.22
C2 GOL L . -50.49 -22.39 -17.07
O2 GOL L . -51.76 -21.72 -17.18
C3 GOL L . -49.51 -21.74 -16.08
O3 GOL L . -48.31 -21.31 -16.68
NA NA M . 11.25 0.93 18.98
C1 GOL N . 46.15 19.33 19.18
O1 GOL N . 45.66 18.57 20.26
C2 GOL N . 47.65 19.68 19.27
O2 GOL N . 48.39 19.07 20.30
C3 GOL N . 47.99 21.13 18.96
O3 GOL N . 49.26 21.52 19.46
C1 GOL O . 39.49 19.91 21.76
O1 GOL O . 38.23 19.40 22.20
C2 GOL O . 40.58 18.81 21.70
O2 GOL O . 40.61 18.03 22.90
C3 GOL O . 42.00 19.37 21.47
O3 GOL O . 42.30 19.46 20.09
C1 GOL P . 25.85 -14.91 -11.07
O1 GOL P . 26.82 -15.16 -10.08
C2 GOL P . 25.27 -13.49 -11.07
O2 GOL P . 25.09 -13.01 -9.76
C3 GOL P . 24.18 -13.21 -12.10
O3 GOL P . 23.36 -12.08 -11.86
C1 GOL Q . 52.72 18.63 10.03
O1 GOL Q . 51.83 18.04 9.10
C2 GOL Q . 52.24 18.18 11.46
O2 GOL Q . 53.08 18.62 12.48
C3 GOL Q . 52.13 16.65 11.42
O3 GOL Q . 52.16 15.91 12.58
C1 GOL R . 30.24 1.91 3.21
O1 GOL R . 30.99 0.82 2.63
C2 GOL R . 28.72 1.61 3.21
O2 GOL R . 28.53 0.31 2.68
C3 GOL R . 27.90 2.65 2.37
O3 GOL R . 27.65 3.79 3.19
#